data_4B10
#
_entry.id   4B10
#
_cell.length_a   57.370
_cell.length_b   119.060
_cell.length_c   176.400
_cell.angle_alpha   90.00
_cell.angle_beta   90.00
_cell.angle_gamma   90.00
#
_symmetry.space_group_name_H-M   'P 21 21 21'
#
loop_
_entity.id
_entity.type
_entity.pdbx_description
1 polymer 'GLYCYLPEPTIDE N-TETRADECANOYLTRANSFERASE'
2 non-polymer 2-oxopentadecyl-CoA
3 non-polymer 'DIMETHYL SULFOXIDE'
4 non-polymer 'CHLORIDE ION'
5 non-polymer 'MAGNESIUM ION'
6 non-polymer 'SULFATE ION'
7 water water
#
_entity_poly.entity_id   1
_entity_poly.type   'polypeptide(L)'
_entity_poly.pdbx_seq_one_letter_code
;MDYKFWYTQPVPKINDEFNESVNEPFISDNKVEDVRKDEYKLPPGYSWYVCDVKDEKDRSEIYTLLTDNYVEDDDNIFRF
NYSAEFLLWALTSPNYLKTWHIGVKYDASNKLIGFISAIPTDICIHKRTIKMAEVNFLCVHKTLRSKRLAPVLIKEITRR
INLENIWQAIYTAGVYLPKPVSDARYYHRSINVKKLIEIGFSSLNSRLTMSRAIKLYRVEDTLNIKNMRLMKKKDVEGVH
KLLGSYLEQFNLYAVFTKEEIAHWFLPIENVIYTYVNEENGKIKDMISFYSLPSQILGNDKYSTLNAAYSFYNVTTTATF
KQLMQDAILLAKRNNFDVFNALEVMQNKSVFEDLKFGEGDGSLKYYLYNWKCASFAPAHVGIVLL
;
_entity_poly.pdbx_strand_id   A,B,C
#
loop_
_chem_comp.id
_chem_comp.type
_chem_comp.name
_chem_comp.formula
CL non-polymer 'CHLORIDE ION' 'Cl -1'
DMS non-polymer 'DIMETHYL SULFOXIDE' 'C2 H6 O S'
MG non-polymer 'MAGNESIUM ION' 'Mg 2'
NHW non-polymer 2-oxopentadecyl-CoA 'C36 H64 N7 O17 P3 S'
SO4 non-polymer 'SULFATE ION' 'O4 S -2'
#
# COMPACT_ATOMS: atom_id res chain seq x y z
N MET A 1 -5.85 18.79 -34.02
CA MET A 1 -6.28 19.48 -35.25
C MET A 1 -7.32 20.57 -34.88
N ASP A 2 -8.56 20.51 -35.38
CA ASP A 2 -9.58 21.53 -34.99
C ASP A 2 -10.64 21.06 -33.99
N TYR A 3 -10.89 19.74 -33.97
CA TYR A 3 -11.96 19.10 -33.15
C TYR A 3 -13.30 19.88 -33.11
N LYS A 4 -13.76 20.30 -34.30
CA LYS A 4 -15.08 20.89 -34.49
C LYS A 4 -16.25 20.16 -33.83
N PHE A 5 -16.20 18.84 -33.78
CA PHE A 5 -17.21 18.13 -33.02
C PHE A 5 -16.84 18.12 -31.52
N TRP A 6 -15.64 17.66 -31.20
CA TRP A 6 -15.27 17.48 -29.77
C TRP A 6 -15.35 18.74 -28.95
N TYR A 7 -15.13 19.90 -29.57
CA TYR A 7 -15.27 21.17 -28.86
C TYR A 7 -16.65 21.54 -28.38
N THR A 8 -17.70 20.98 -28.99
CA THR A 8 -19.08 21.14 -28.56
C THR A 8 -19.48 20.23 -27.41
N GLN A 9 -18.55 19.32 -27.01
CA GLN A 9 -18.89 18.32 -26.00
C GLN A 9 -18.29 18.72 -24.65
N PRO A 10 -18.84 18.19 -23.58
CA PRO A 10 -18.35 18.42 -22.21
C PRO A 10 -17.13 17.49 -21.97
N VAL A 11 -16.01 17.86 -22.58
CA VAL A 11 -14.71 17.19 -22.45
C VAL A 11 -13.71 18.36 -22.41
N PRO A 12 -12.53 18.12 -21.89
CA PRO A 12 -11.53 19.17 -21.74
C PRO A 12 -11.06 19.72 -23.05
N LYS A 13 -10.78 21.03 -23.09
CA LYS A 13 -10.08 21.58 -24.25
C LYS A 13 -8.60 21.17 -24.17
N ILE A 14 -7.95 21.16 -25.32
CA ILE A 14 -6.56 20.68 -25.52
C ILE A 14 -5.56 21.22 -24.50
N ASN A 15 -5.86 22.43 -24.05
CA ASN A 15 -4.94 23.08 -23.10
CA ASN A 15 -5.06 23.28 -23.20
C ASN A 15 -5.52 23.30 -21.71
N ASP A 16 -6.60 22.57 -21.38
CA ASP A 16 -7.19 22.57 -20.02
C ASP A 16 -6.28 21.71 -19.15
N GLU A 17 -6.02 22.16 -17.91
CA GLU A 17 -5.25 21.36 -16.98
CA GLU A 17 -5.13 21.51 -16.94
C GLU A 17 -5.73 21.60 -15.54
N PHE A 18 -6.16 20.51 -14.91
CA PHE A 18 -6.85 20.58 -13.64
C PHE A 18 -5.95 20.03 -12.55
N ASN A 19 -5.99 20.67 -11.38
CA ASN A 19 -5.36 20.23 -10.14
CA ASN A 19 -5.24 20.10 -10.29
C ASN A 19 -5.98 18.93 -9.63
N GLU A 20 -5.22 18.15 -8.84
CA GLU A 20 -5.78 16.98 -8.17
C GLU A 20 -7.00 17.23 -7.34
N SER A 21 -7.14 18.48 -6.91
CA SER A 21 -8.28 18.89 -6.12
C SER A 21 -9.56 19.11 -6.95
N VAL A 22 -9.50 19.02 -8.27
CA VAL A 22 -10.73 19.13 -9.10
C VAL A 22 -11.09 17.72 -9.50
N ASN A 23 -12.34 17.34 -9.29
CA ASN A 23 -12.78 15.97 -9.57
C ASN A 23 -14.27 15.95 -9.56
N GLU A 24 -14.83 16.38 -10.71
CA GLU A 24 -16.25 16.66 -10.78
C GLU A 24 -16.73 16.72 -12.24
N PRO A 25 -18.06 16.65 -12.49
CA PRO A 25 -18.50 16.86 -13.91
C PRO A 25 -18.20 18.23 -14.53
N PHE A 26 -18.07 18.30 -15.86
CA PHE A 26 -18.22 19.62 -16.53
C PHE A 26 -19.64 20.14 -16.31
N ILE A 27 -20.63 19.30 -16.48
CA ILE A 27 -22.06 19.70 -16.40
C ILE A 27 -22.80 18.82 -15.42
N SER A 28 -23.31 19.42 -14.34
CA SER A 28 -23.97 18.69 -13.26
C SER A 28 -25.41 19.13 -13.26
N ASP A 29 -26.17 18.55 -12.33
CA ASP A 29 -27.63 18.83 -12.21
C ASP A 29 -28.43 18.48 -13.46
N ASN A 30 -27.98 17.48 -14.23
CA ASN A 30 -28.68 17.02 -15.39
C ASN A 30 -30.03 16.36 -15.06
N LYS A 31 -31.00 16.42 -15.98
CA LYS A 31 -32.31 15.89 -15.66
C LYS A 31 -32.66 14.95 -16.75
N VAL A 32 -33.10 13.73 -16.40
CA VAL A 32 -33.58 12.77 -17.36
C VAL A 32 -34.78 13.33 -18.15
N GLU A 33 -35.66 14.11 -17.47
CA GLU A 33 -36.81 14.70 -18.13
C GLU A 33 -36.44 15.57 -19.31
N ASP A 34 -35.24 16.14 -19.34
CA ASP A 34 -34.87 17.07 -20.40
C ASP A 34 -34.15 16.45 -21.63
N VAL A 35 -33.81 15.16 -21.51
CA VAL A 35 -33.11 14.46 -22.54
C VAL A 35 -33.99 14.32 -23.77
N ARG A 36 -33.39 14.57 -24.93
CA ARG A 36 -34.10 14.47 -26.23
C ARG A 36 -34.70 13.06 -26.32
N LYS A 37 -36.00 12.95 -26.63
CA LYS A 37 -36.65 11.64 -26.87
C LYS A 37 -36.66 11.11 -28.32
N ASP A 38 -36.28 11.96 -29.28
CA ASP A 38 -36.18 11.68 -30.69
C ASP A 38 -34.81 11.13 -31.05
N GLU A 39 -34.73 10.13 -31.91
CA GLU A 39 -33.45 9.65 -32.37
C GLU A 39 -32.71 10.69 -33.23
N TYR A 40 -31.39 10.76 -33.17
CA TYR A 40 -30.70 11.60 -34.06
C TYR A 40 -30.93 11.28 -35.53
N LYS A 41 -30.90 12.35 -36.33
CA LYS A 41 -31.10 12.19 -37.76
CA LYS A 41 -31.08 12.22 -37.77
C LYS A 41 -29.86 11.63 -38.46
N LEU A 42 -30.12 10.63 -39.31
CA LEU A 42 -29.11 9.99 -40.16
C LEU A 42 -29.26 10.56 -41.55
N PRO A 43 -28.21 10.48 -42.37
CA PRO A 43 -28.37 10.87 -43.78
C PRO A 43 -29.45 10.06 -44.49
N PRO A 44 -30.00 10.64 -45.55
CA PRO A 44 -31.10 9.83 -46.20
C PRO A 44 -30.61 8.46 -46.73
N GLY A 45 -31.49 7.43 -46.59
CA GLY A 45 -31.08 6.10 -47.00
C GLY A 45 -30.45 5.25 -45.93
N TYR A 46 -30.37 5.79 -44.70
CA TYR A 46 -29.81 5.06 -43.53
C TYR A 46 -30.79 5.08 -42.34
N SER A 47 -30.75 4.03 -41.52
CA SER A 47 -31.68 3.88 -40.44
C SER A 47 -30.97 3.32 -39.20
N TRP A 48 -31.46 3.71 -38.03
CA TRP A 48 -31.04 3.03 -36.80
C TRP A 48 -31.47 1.57 -36.78
N TYR A 49 -30.66 0.72 -36.17
CA TYR A 49 -31.09 -0.66 -35.96
C TYR A 49 -30.73 -1.10 -34.53
N VAL A 50 -31.66 -1.60 -33.72
CA VAL A 50 -31.19 -2.10 -32.40
C VAL A 50 -30.72 -3.54 -32.60
N CYS A 51 -29.50 -3.81 -32.17
CA CYS A 51 -28.89 -5.09 -32.41
C CYS A 51 -29.20 -5.94 -31.22
N ASP A 52 -29.57 -7.18 -31.46
CA ASP A 52 -29.70 -8.12 -30.30
C ASP A 52 -28.47 -9.00 -30.27
N VAL A 53 -27.51 -8.67 -29.40
CA VAL A 53 -26.21 -9.44 -29.41
C VAL A 53 -26.43 -10.88 -28.98
N LYS A 54 -27.56 -11.15 -28.36
CA LYS A 54 -27.83 -12.53 -28.05
C LYS A 54 -28.38 -13.42 -29.16
N ASP A 55 -28.82 -12.76 -30.22
CA ASP A 55 -29.33 -13.41 -31.38
C ASP A 55 -28.17 -13.72 -32.31
N GLU A 56 -27.99 -15.00 -32.69
CA GLU A 56 -26.75 -15.34 -33.40
C GLU A 56 -26.59 -14.56 -34.70
N LYS A 57 -27.69 -14.34 -35.37
CA LYS A 57 -27.57 -13.66 -36.66
C LYS A 57 -27.28 -12.17 -36.55
N ASP A 58 -27.90 -11.45 -35.60
CA ASP A 58 -27.51 -10.03 -35.41
C ASP A 58 -26.07 -9.98 -34.97
N ARG A 59 -25.66 -10.87 -34.06
CA ARG A 59 -24.25 -10.86 -33.56
C ARG A 59 -23.32 -11.10 -34.75
N SER A 60 -23.72 -12.03 -35.62
N SER A 60 -23.68 -12.01 -35.63
CA SER A 60 -22.99 -12.29 -36.85
CA SER A 60 -22.85 -12.22 -36.81
C SER A 60 -22.78 -11.07 -37.75
C SER A 60 -22.73 -11.01 -37.75
N GLU A 61 -23.78 -10.19 -37.83
CA GLU A 61 -23.68 -8.93 -38.64
C GLU A 61 -22.70 -7.96 -38.03
N ILE A 62 -22.72 -7.83 -36.68
CA ILE A 62 -21.78 -7.00 -36.01
C ILE A 62 -20.39 -7.56 -36.29
N TYR A 63 -20.25 -8.86 -36.09
CA TYR A 63 -18.98 -9.55 -36.34
C TYR A 63 -18.39 -9.24 -37.75
N THR A 64 -19.22 -9.34 -38.78
CA THR A 64 -18.81 -9.04 -40.19
C THR A 64 -18.41 -7.60 -40.34
N LEU A 65 -19.21 -6.70 -39.77
CA LEU A 65 -18.80 -5.32 -39.81
C LEU A 65 -17.37 -5.04 -39.28
N LEU A 66 -17.11 -5.49 -38.04
CA LEU A 66 -15.86 -5.21 -37.39
C LEU A 66 -14.73 -5.97 -38.07
N THR A 67 -15.00 -7.22 -38.48
CA THR A 67 -13.98 -7.99 -39.21
C THR A 67 -13.45 -7.29 -40.45
N ASP A 68 -14.38 -6.71 -41.26
CA ASP A 68 -14.01 -5.96 -42.43
C ASP A 68 -13.52 -4.50 -42.20
N ASN A 69 -13.93 -3.85 -41.10
CA ASN A 69 -13.84 -2.41 -41.00
C ASN A 69 -13.26 -1.84 -39.69
N TYR A 70 -12.76 -2.69 -38.79
CA TYR A 70 -12.35 -2.24 -37.49
C TYR A 70 -10.86 -1.80 -37.53
N VAL A 71 -10.34 -1.56 -36.35
CA VAL A 71 -8.99 -1.00 -36.16
C VAL A 71 -7.89 -1.81 -36.86
N GLU A 72 -7.05 -1.14 -37.65
CA GLU A 72 -5.88 -1.76 -38.26
C GLU A 72 -4.63 -1.18 -37.59
N ASP A 73 -3.50 -1.88 -37.72
CA ASP A 73 -2.23 -1.40 -37.11
C ASP A 73 -1.70 -0.15 -37.84
N ASP A 74 -0.79 0.56 -37.17
CA ASP A 74 -0.15 1.75 -37.73
C ASP A 74 0.37 1.64 -39.16
N ASP A 75 0.56 0.40 -39.66
CA ASP A 75 1.09 0.18 -41.01
CA ASP A 75 1.12 0.15 -41.01
C ASP A 75 0.14 -0.55 -41.98
N ASN A 76 -1.11 -0.80 -41.53
CA ASN A 76 -2.18 -1.48 -42.33
C ASN A 76 -1.97 -2.93 -42.71
N ILE A 77 -1.32 -3.63 -41.82
CA ILE A 77 -0.86 -5.01 -42.00
C ILE A 77 -1.84 -6.03 -41.32
N PHE A 78 -2.35 -5.65 -40.15
CA PHE A 78 -3.14 -6.51 -39.32
C PHE A 78 -4.50 -5.78 -39.16
N ARG A 79 -5.60 -6.47 -39.01
CA ARG A 79 -6.82 -5.75 -38.59
C ARG A 79 -7.39 -6.58 -37.43
N PHE A 80 -7.74 -5.91 -36.35
CA PHE A 80 -8.24 -6.61 -35.21
CA PHE A 80 -8.32 -6.56 -35.17
C PHE A 80 -9.47 -7.44 -35.62
N ASN A 81 -9.60 -8.63 -35.05
CA ASN A 81 -10.66 -9.56 -35.44
C ASN A 81 -11.36 -10.21 -34.21
N TYR A 82 -11.99 -9.35 -33.42
CA TYR A 82 -12.81 -9.84 -32.30
C TYR A 82 -13.77 -10.92 -32.77
N SER A 83 -13.76 -12.02 -32.07
CA SER A 83 -14.69 -13.11 -32.41
C SER A 83 -16.14 -12.82 -32.01
N ALA A 84 -17.06 -13.59 -32.58
CA ALA A 84 -18.43 -13.38 -32.30
C ALA A 84 -18.70 -13.78 -30.83
N GLU A 85 -18.10 -14.87 -30.34
CA GLU A 85 -18.24 -15.18 -28.93
C GLU A 85 -17.65 -14.14 -28.04
N PHE A 86 -16.54 -13.56 -28.49
CA PHE A 86 -15.97 -12.46 -27.74
C PHE A 86 -16.95 -11.26 -27.59
N LEU A 87 -17.54 -10.88 -28.72
CA LEU A 87 -18.56 -9.80 -28.64
C LEU A 87 -19.68 -10.11 -27.71
N LEU A 88 -20.16 -11.36 -27.74
CA LEU A 88 -21.22 -11.76 -26.85
C LEU A 88 -20.80 -11.49 -25.38
N TRP A 89 -19.60 -11.91 -25.01
CA TRP A 89 -19.08 -11.66 -23.66
C TRP A 89 -18.95 -10.20 -23.31
N ALA A 90 -18.33 -9.46 -24.22
CA ALA A 90 -17.99 -8.07 -24.03
C ALA A 90 -19.23 -7.19 -23.86
N LEU A 91 -20.39 -7.61 -24.43
CA LEU A 91 -21.51 -6.71 -24.57
C LEU A 91 -22.69 -7.12 -23.66
N THR A 92 -22.61 -8.27 -22.98
CA THR A 92 -23.75 -8.79 -22.14
C THR A 92 -23.34 -8.95 -20.68
N SER A 93 -22.48 -8.06 -20.21
CA SER A 93 -22.17 -7.96 -18.79
C SER A 93 -23.41 -7.64 -17.92
N PRO A 94 -23.35 -7.91 -16.60
CA PRO A 94 -24.52 -7.61 -15.78
C PRO A 94 -25.18 -6.24 -15.95
N ASN A 95 -26.50 -6.34 -15.96
CA ASN A 95 -27.37 -5.22 -16.15
C ASN A 95 -27.19 -4.45 -17.47
N TYR A 96 -26.57 -5.04 -18.51
CA TYR A 96 -26.40 -4.36 -19.80
C TYR A 96 -27.76 -4.06 -20.40
N LEU A 97 -27.75 -3.04 -21.23
CA LEU A 97 -28.96 -2.57 -21.97
C LEU A 97 -28.82 -2.90 -23.45
N LYS A 98 -29.72 -3.74 -23.94
CA LYS A 98 -29.75 -4.00 -25.37
C LYS A 98 -29.76 -2.71 -26.21
N THR A 99 -30.44 -1.69 -25.75
CA THR A 99 -30.73 -0.52 -26.53
C THR A 99 -29.47 0.41 -26.55
N TRP A 100 -28.36 -0.03 -25.88
CA TRP A 100 -27.07 0.63 -26.06
C TRP A 100 -26.21 -0.13 -27.02
N HIS A 101 -26.78 -1.07 -27.76
CA HIS A 101 -26.01 -1.77 -28.81
C HIS A 101 -26.59 -1.35 -30.16
N ILE A 102 -25.99 -0.36 -30.75
CA ILE A 102 -26.67 0.46 -31.80
C ILE A 102 -26.00 0.32 -33.11
N GLY A 103 -26.77 -0.10 -34.10
CA GLY A 103 -26.30 -0.24 -35.44
C GLY A 103 -26.95 0.80 -36.37
N VAL A 104 -26.28 1.00 -37.52
CA VAL A 104 -26.85 1.81 -38.61
C VAL A 104 -26.86 0.94 -39.84
N LYS A 105 -28.08 0.72 -40.42
CA LYS A 105 -28.18 0.03 -41.72
C LYS A 105 -28.35 0.95 -42.90
N TYR A 106 -27.78 0.52 -44.03
CA TYR A 106 -28.05 1.11 -45.37
C TYR A 106 -29.36 0.49 -45.93
N ASP A 107 -30.36 1.31 -46.19
CA ASP A 107 -31.71 0.77 -46.29
C ASP A 107 -31.80 -0.09 -47.53
N ALA A 108 -31.15 0.38 -48.59
CA ALA A 108 -31.20 -0.27 -49.89
C ALA A 108 -30.65 -1.69 -49.88
N SER A 109 -29.62 -1.97 -49.09
CA SER A 109 -28.99 -3.31 -49.09
C SER A 109 -29.42 -4.07 -47.82
N ASN A 110 -29.97 -3.35 -46.84
CA ASN A 110 -30.28 -3.91 -45.53
C ASN A 110 -29.05 -4.36 -44.74
N LYS A 111 -27.93 -3.71 -45.02
CA LYS A 111 -26.67 -4.11 -44.41
C LYS A 111 -26.22 -3.13 -43.35
N LEU A 112 -25.57 -3.66 -42.33
CA LEU A 112 -25.12 -2.88 -41.22
C LEU A 112 -23.88 -2.20 -41.74
N ILE A 113 -23.84 -0.87 -41.66
CA ILE A 113 -22.61 -0.11 -42.01
C ILE A 113 -22.02 0.71 -40.89
N GLY A 114 -22.64 0.64 -39.70
CA GLY A 114 -22.19 1.40 -38.56
C GLY A 114 -22.59 0.74 -37.28
N PHE A 115 -21.78 0.94 -36.25
CA PHE A 115 -22.01 0.36 -34.91
C PHE A 115 -21.34 1.14 -33.79
N ILE A 116 -22.01 1.23 -32.63
CA ILE A 116 -21.39 1.74 -31.40
C ILE A 116 -22.04 1.02 -30.23
N SER A 117 -21.33 0.83 -29.11
CA SER A 117 -21.96 0.07 -27.99
C SER A 117 -21.49 0.68 -26.69
N ALA A 118 -22.27 0.48 -25.68
CA ALA A 118 -21.81 0.79 -24.31
C ALA A 118 -22.39 -0.27 -23.37
N ILE A 119 -21.74 -0.43 -22.21
CA ILE A 119 -22.20 -1.25 -21.09
C ILE A 119 -22.04 -0.44 -19.81
N PRO A 120 -22.93 -0.63 -18.84
CA PRO A 120 -22.81 0.09 -17.57
C PRO A 120 -21.77 -0.47 -16.60
N THR A 121 -21.03 0.42 -15.93
CA THR A 121 -19.94 -0.06 -15.04
C THR A 121 -19.78 1.04 -14.02
N ASP A 122 -19.53 0.71 -12.78
CA ASP A 122 -19.21 1.73 -11.77
CA ASP A 122 -19.23 1.70 -11.77
C ASP A 122 -17.72 2.00 -11.85
N ILE A 123 -17.34 3.26 -12.04
CA ILE A 123 -15.92 3.62 -12.19
C ILE A 123 -15.51 4.50 -11.06
N CYS A 124 -14.44 4.13 -10.37
CA CYS A 124 -13.88 4.98 -9.37
C CYS A 124 -12.76 5.80 -9.96
N ILE A 125 -12.93 7.10 -9.99
CA ILE A 125 -11.91 8.07 -10.50
C ILE A 125 -11.51 8.99 -9.33
N HIS A 126 -10.23 8.94 -8.98
CA HIS A 126 -9.67 9.74 -7.86
CA HIS A 126 -9.69 9.79 -7.89
C HIS A 126 -10.55 9.61 -6.65
N LYS A 127 -10.85 8.35 -6.33
CA LYS A 127 -11.58 7.98 -5.15
C LYS A 127 -13.06 8.24 -5.10
N ARG A 128 -13.61 8.84 -6.16
CA ARG A 128 -15.05 9.05 -6.29
C ARG A 128 -15.61 7.97 -7.20
N THR A 129 -16.63 7.25 -6.77
CA THR A 129 -17.23 6.22 -7.61
C THR A 129 -18.46 6.75 -8.31
N ILE A 130 -18.51 6.62 -9.64
CA ILE A 130 -19.61 7.19 -10.43
C ILE A 130 -20.15 6.09 -11.35
N LYS A 131 -21.47 6.05 -11.54
CA LYS A 131 -22.05 5.20 -12.56
C LYS A 131 -21.69 5.76 -13.94
N MET A 132 -20.98 4.97 -14.75
CA MET A 132 -20.60 5.35 -16.08
C MET A 132 -21.04 4.34 -17.11
N ALA A 133 -21.00 4.80 -18.34
CA ALA A 133 -21.01 3.88 -19.49
C ALA A 133 -19.59 3.68 -19.98
N GLU A 134 -19.24 2.46 -20.35
CA GLU A 134 -18.03 2.09 -21.05
C GLU A 134 -18.35 1.86 -22.52
N VAL A 135 -17.87 2.80 -23.32
CA VAL A 135 -18.16 2.82 -24.79
C VAL A 135 -17.08 2.06 -25.56
N ASN A 136 -17.47 1.23 -26.53
CA ASN A 136 -16.52 0.49 -27.33
C ASN A 136 -17.07 0.14 -28.68
N PHE A 137 -16.22 -0.34 -29.57
CA PHE A 137 -16.61 -0.91 -30.84
C PHE A 137 -17.27 0.11 -31.76
N LEU A 138 -16.96 1.39 -31.59
CA LEU A 138 -17.32 2.39 -32.61
C LEU A 138 -16.70 2.00 -33.97
N CYS A 139 -17.59 1.88 -34.97
CA CYS A 139 -17.15 1.47 -36.29
C CYS A 139 -18.07 1.96 -37.41
N VAL A 140 -17.43 2.61 -38.39
CA VAL A 140 -18.06 3.07 -39.64
C VAL A 140 -17.46 2.29 -40.84
N HIS A 141 -18.30 1.70 -41.70
CA HIS A 141 -17.77 0.98 -42.88
C HIS A 141 -16.67 1.80 -43.61
N LYS A 142 -15.65 1.12 -44.15
CA LYS A 142 -14.55 1.84 -44.82
C LYS A 142 -15.03 2.64 -46.00
N THR A 143 -16.19 2.31 -46.58
CA THR A 143 -16.68 3.01 -47.82
C THR A 143 -17.37 4.29 -47.43
N LEU A 144 -17.58 4.51 -46.12
CA LEU A 144 -18.36 5.66 -45.61
C LEU A 144 -17.61 6.53 -44.66
N ARG A 145 -16.27 6.53 -44.80
CA ARG A 145 -15.40 7.32 -43.89
C ARG A 145 -15.38 8.82 -44.19
N SER A 146 -15.21 9.63 -43.11
CA SER A 146 -15.03 11.11 -43.20
C SER A 146 -16.27 11.77 -43.68
N LYS A 147 -17.42 11.16 -43.37
CA LYS A 147 -18.71 11.77 -43.69
C LYS A 147 -19.49 12.27 -42.47
N ARG A 148 -18.85 12.29 -41.32
CA ARG A 148 -19.46 12.79 -40.07
C ARG A 148 -20.55 11.81 -39.60
N LEU A 149 -20.40 10.54 -39.92
CA LEU A 149 -21.29 9.59 -39.26
C LEU A 149 -20.87 9.34 -37.81
N ALA A 150 -19.58 9.42 -37.50
CA ALA A 150 -19.24 8.99 -36.12
C ALA A 150 -19.88 9.93 -35.10
N PRO A 151 -19.94 11.28 -35.37
CA PRO A 151 -20.55 12.13 -34.35
C PRO A 151 -22.01 11.82 -34.17
N VAL A 152 -22.64 11.35 -35.21
CA VAL A 152 -24.05 10.93 -35.10
C VAL A 152 -24.17 9.72 -34.19
N LEU A 153 -23.35 8.70 -34.40
CA LEU A 153 -23.34 7.55 -33.50
C LEU A 153 -23.03 7.93 -32.03
N ILE A 154 -22.02 8.79 -31.84
CA ILE A 154 -21.67 9.29 -30.53
C ILE A 154 -22.83 10.06 -29.84
N LYS A 155 -23.43 11.02 -30.55
CA LYS A 155 -24.51 11.80 -29.95
C LYS A 155 -25.70 10.91 -29.65
N GLU A 156 -25.94 9.92 -30.53
CA GLU A 156 -27.14 9.01 -30.27
C GLU A 156 -26.90 8.09 -29.06
N ILE A 157 -25.71 7.48 -28.92
CA ILE A 157 -25.49 6.64 -27.74
CA ILE A 157 -25.48 6.64 -27.73
C ILE A 157 -25.49 7.52 -26.47
N THR A 158 -24.95 8.73 -26.54
CA THR A 158 -25.00 9.64 -25.38
C THR A 158 -26.46 9.85 -24.96
N ARG A 159 -27.34 10.09 -25.92
CA ARG A 159 -28.75 10.36 -25.65
C ARG A 159 -29.33 9.12 -24.90
N ARG A 160 -29.02 7.93 -25.40
CA ARG A 160 -29.62 6.71 -24.80
C ARG A 160 -29.10 6.40 -23.40
N ILE A 161 -27.83 6.79 -23.18
CA ILE A 161 -27.21 6.60 -21.88
C ILE A 161 -27.81 7.61 -20.90
N ASN A 162 -28.03 8.85 -21.34
CA ASN A 162 -28.59 9.90 -20.52
C ASN A 162 -30.03 9.52 -20.08
N LEU A 163 -30.76 8.80 -20.94
CA LEU A 163 -32.14 8.35 -20.60
C LEU A 163 -32.13 7.45 -19.38
N GLU A 164 -31.01 6.77 -19.11
CA GLU A 164 -30.87 6.01 -17.86
C GLU A 164 -30.23 6.76 -16.69
N ASN A 165 -30.22 8.11 -16.75
CA ASN A 165 -29.72 8.94 -15.67
C ASN A 165 -28.21 8.69 -15.45
N ILE A 166 -27.52 8.36 -16.54
CA ILE A 166 -26.02 8.27 -16.48
C ILE A 166 -25.42 9.37 -17.34
N TRP A 167 -24.40 10.06 -16.84
CA TRP A 167 -23.95 11.30 -17.44
C TRP A 167 -22.45 11.35 -17.64
N GLN A 168 -21.77 10.26 -17.34
CA GLN A 168 -20.32 10.12 -17.57
C GLN A 168 -20.03 8.86 -18.36
N ALA A 169 -18.93 8.84 -19.11
CA ALA A 169 -18.53 7.62 -19.80
C ALA A 169 -17.08 7.51 -19.66
N ILE A 170 -16.61 6.31 -19.94
CA ILE A 170 -15.14 6.09 -20.06
C ILE A 170 -14.90 5.44 -21.43
N TYR A 171 -13.81 5.77 -22.12
CA TYR A 171 -13.57 5.07 -23.35
C TYR A 171 -12.05 5.22 -23.63
N THR A 172 -11.57 4.40 -24.54
CA THR A 172 -10.16 4.47 -24.92
C THR A 172 -10.05 4.59 -26.44
N ALA A 173 -8.94 5.10 -26.93
CA ALA A 173 -8.74 5.06 -28.40
C ALA A 173 -7.25 5.19 -28.62
N GLY A 174 -6.79 4.71 -29.77
CA GLY A 174 -5.41 4.95 -30.18
C GLY A 174 -5.15 6.30 -30.74
N VAL A 175 -6.17 7.03 -31.10
CA VAL A 175 -6.03 8.40 -31.59
C VAL A 175 -6.13 9.42 -30.47
N TYR A 176 -5.43 10.52 -30.65
CA TYR A 176 -5.43 11.65 -29.71
C TYR A 176 -6.67 12.53 -29.91
N LEU A 177 -7.54 12.57 -28.88
CA LEU A 177 -8.74 13.38 -28.85
C LEU A 177 -8.67 14.28 -27.64
N PRO A 178 -9.52 15.31 -27.58
CA PRO A 178 -9.54 16.14 -26.31
C PRO A 178 -10.19 15.28 -25.21
N LYS A 179 -9.58 15.01 -24.03
CA LYS A 179 -8.16 15.15 -23.77
C LYS A 179 -7.88 13.98 -22.82
N PRO A 180 -6.81 13.22 -23.06
CA PRO A 180 -6.65 12.00 -22.23
C PRO A 180 -6.44 12.24 -20.75
N VAL A 181 -7.05 11.36 -19.90
CA VAL A 181 -6.76 11.37 -18.44
C VAL A 181 -5.44 10.64 -18.25
N SER A 182 -5.07 9.80 -19.23
CA SER A 182 -3.81 9.01 -19.11
C SER A 182 -3.51 8.41 -20.44
N ASP A 183 -2.28 7.96 -20.61
CA ASP A 183 -1.81 7.48 -21.92
C ASP A 183 -0.83 6.35 -21.67
N ALA A 184 -1.16 5.17 -22.19
CA ALA A 184 -0.36 3.96 -21.93
C ALA A 184 0.17 3.32 -23.26
N ARG A 185 1.47 3.23 -23.44
CA ARG A 185 2.01 2.41 -24.54
C ARG A 185 1.70 0.90 -24.46
N TYR A 186 1.58 0.31 -25.64
N TYR A 186 1.53 0.25 -25.61
CA TYR A 186 1.69 -1.12 -25.90
CA TYR A 186 1.59 -1.20 -25.66
C TYR A 186 3.07 -1.69 -25.83
C TYR A 186 2.97 -1.73 -25.84
N TYR A 187 3.20 -2.82 -25.13
CA TYR A 187 4.39 -3.70 -25.19
C TYR A 187 3.97 -5.10 -25.60
N HIS A 188 4.85 -5.80 -26.35
CA HIS A 188 4.58 -7.14 -26.86
CA HIS A 188 4.55 -7.17 -26.78
C HIS A 188 5.66 -8.12 -26.42
N ARG A 189 5.26 -9.34 -26.05
CA ARG A 189 6.25 -10.41 -25.73
C ARG A 189 6.09 -11.54 -26.74
N SER A 190 7.10 -11.79 -27.54
CA SER A 190 7.13 -12.84 -28.57
C SER A 190 7.06 -14.21 -27.95
N ILE A 191 6.09 -14.97 -28.41
CA ILE A 191 6.01 -16.39 -28.09
C ILE A 191 6.45 -17.24 -29.30
N ASN A 192 5.75 -17.09 -30.41
CA ASN A 192 6.00 -17.91 -31.64
CA ASN A 192 6.01 -17.88 -31.62
C ASN A 192 6.81 -17.01 -32.53
N VAL A 193 8.13 -16.96 -32.25
CA VAL A 193 9.06 -15.98 -32.77
CA VAL A 193 8.89 -15.82 -32.80
C VAL A 193 9.11 -16.01 -34.30
N LYS A 194 9.24 -17.22 -34.79
CA LYS A 194 9.38 -17.35 -36.25
C LYS A 194 8.16 -16.81 -37.02
N LYS A 195 6.97 -17.14 -36.55
CA LYS A 195 5.75 -16.64 -37.22
C LYS A 195 5.66 -15.12 -37.13
N LEU A 196 6.03 -14.56 -35.97
CA LEU A 196 5.99 -13.09 -35.82
C LEU A 196 6.91 -12.44 -36.81
N ILE A 197 8.09 -13.05 -37.01
N ILE A 197 8.10 -13.00 -37.03
CA ILE A 197 9.09 -12.62 -38.00
CA ILE A 197 9.01 -12.41 -38.00
C ILE A 197 8.51 -12.64 -39.44
C ILE A 197 8.55 -12.63 -39.46
N GLU A 198 7.95 -13.80 -39.74
CA GLU A 198 7.48 -14.13 -41.10
C GLU A 198 6.33 -13.22 -41.54
N ILE A 199 5.45 -12.85 -40.60
CA ILE A 199 4.32 -11.94 -40.89
C ILE A 199 4.67 -10.44 -40.73
N GLY A 200 5.89 -10.12 -40.35
CA GLY A 200 6.35 -8.72 -40.19
C GLY A 200 5.83 -8.06 -38.92
N PHE A 201 5.41 -8.85 -37.93
CA PHE A 201 5.11 -8.29 -36.60
C PHE A 201 6.38 -7.95 -35.83
N SER A 202 7.45 -8.75 -35.97
CA SER A 202 8.75 -8.48 -35.30
C SER A 202 9.79 -8.53 -36.36
N SER A 203 11.02 -8.21 -35.98
CA SER A 203 12.14 -8.34 -36.89
C SER A 203 13.40 -8.89 -36.22
N LEU A 204 14.32 -9.39 -37.04
CA LEU A 204 15.67 -9.85 -36.67
C LEU A 204 16.71 -8.77 -36.98
N ASN A 205 18.00 -9.06 -36.78
CA ASN A 205 19.11 -8.28 -37.34
C ASN A 205 20.37 -9.16 -37.37
N SER A 206 21.48 -8.62 -37.90
CA SER A 206 22.72 -9.41 -38.10
C SER A 206 23.37 -9.97 -36.81
N ARG A 207 23.16 -9.26 -35.68
CA ARG A 207 23.50 -9.78 -34.34
C ARG A 207 22.34 -10.48 -33.62
N LEU A 208 21.18 -10.58 -34.27
CA LEU A 208 20.12 -11.48 -33.82
C LEU A 208 19.60 -12.31 -35.01
N THR A 209 20.17 -13.52 -35.15
CA THR A 209 19.81 -14.44 -36.22
C THR A 209 18.57 -15.12 -35.79
N MET A 210 17.92 -15.85 -36.69
CA MET A 210 16.68 -16.53 -36.39
C MET A 210 16.84 -17.45 -35.19
N SER A 211 17.87 -18.31 -35.22
CA SER A 211 17.99 -19.27 -34.11
C SER A 211 18.20 -18.52 -32.76
N ARG A 212 18.96 -17.43 -32.79
CA ARG A 212 19.30 -16.63 -31.59
C ARG A 212 18.07 -15.94 -31.06
N ALA A 213 17.18 -15.54 -31.96
CA ALA A 213 15.86 -15.00 -31.54
C ALA A 213 14.98 -16.04 -30.91
N ILE A 214 15.00 -17.20 -31.50
CA ILE A 214 14.14 -18.28 -31.00
C ILE A 214 14.60 -18.66 -29.56
N LYS A 215 15.92 -18.76 -29.37
CA LYS A 215 16.51 -19.01 -28.03
C LYS A 215 16.19 -17.87 -27.09
N LEU A 216 16.22 -16.63 -27.59
CA LEU A 216 15.99 -15.48 -26.71
C LEU A 216 14.63 -15.51 -26.05
N TYR A 217 13.64 -16.00 -26.80
CA TYR A 217 12.24 -15.97 -26.36
C TYR A 217 11.73 -17.31 -25.81
N ARG A 218 12.64 -18.29 -25.70
CA ARG A 218 12.28 -19.63 -25.29
C ARG A 218 11.86 -19.57 -23.84
N VAL A 219 10.79 -20.28 -23.51
CA VAL A 219 10.30 -20.33 -22.14
C VAL A 219 10.24 -21.77 -21.52
N GLU A 220 10.55 -21.86 -20.23
CA GLU A 220 10.52 -23.12 -19.54
C GLU A 220 9.07 -23.47 -19.30
N ASP A 221 8.65 -24.68 -19.69
CA ASP A 221 7.29 -25.09 -19.52
C ASP A 221 7.00 -25.45 -18.06
N THR A 222 7.41 -24.62 -17.09
CA THR A 222 7.15 -24.93 -15.69
C THR A 222 6.73 -23.65 -14.97
N LEU A 223 5.62 -23.69 -14.27
CA LEU A 223 5.08 -22.53 -13.54
C LEU A 223 5.88 -22.18 -12.26
N ASN A 224 6.08 -20.91 -12.00
CA ASN A 224 6.59 -20.43 -10.75
C ASN A 224 5.55 -20.72 -9.62
N ILE A 225 4.26 -20.67 -9.94
CA ILE A 225 3.22 -20.87 -8.96
C ILE A 225 2.53 -22.15 -9.41
N LYS A 226 2.94 -23.27 -8.76
CA LYS A 226 2.76 -24.56 -9.39
CA LYS A 226 2.75 -24.60 -9.26
C LYS A 226 1.28 -24.86 -9.40
N ASN A 227 0.54 -24.26 -8.50
CA ASN A 227 -0.90 -24.65 -8.38
C ASN A 227 -1.87 -23.70 -9.19
N MET A 228 -1.33 -22.81 -10.00
CA MET A 228 -2.12 -21.92 -10.89
CA MET A 228 -2.17 -21.95 -10.91
C MET A 228 -3.02 -22.80 -11.79
N ARG A 229 -4.34 -22.61 -11.69
CA ARG A 229 -5.30 -23.42 -12.40
C ARG A 229 -6.46 -22.61 -12.95
N LEU A 230 -7.21 -23.14 -13.92
CA LEU A 230 -8.34 -22.35 -14.49
C LEU A 230 -9.32 -22.00 -13.35
N MET A 231 -9.71 -20.73 -13.26
CA MET A 231 -10.78 -20.31 -12.36
C MET A 231 -12.11 -21.09 -12.54
N LYS A 232 -12.73 -21.32 -11.42
CA LYS A 232 -14.09 -21.96 -11.41
C LYS A 232 -15.05 -21.09 -10.63
N LYS A 233 -16.34 -21.42 -10.66
CA LYS A 233 -17.33 -20.63 -9.97
C LYS A 233 -17.05 -20.51 -8.48
N LYS A 234 -16.56 -21.59 -7.83
CA LYS A 234 -16.27 -21.54 -6.42
C LYS A 234 -15.28 -20.43 -6.09
N ASP A 235 -14.53 -19.91 -7.05
CA ASP A 235 -13.42 -18.95 -6.76
C ASP A 235 -13.93 -17.49 -6.89
N VAL A 236 -15.18 -17.28 -7.31
CA VAL A 236 -15.70 -15.94 -7.52
C VAL A 236 -15.53 -15.04 -6.25
N GLU A 237 -15.94 -15.54 -5.07
CA GLU A 237 -15.80 -14.71 -3.83
C GLU A 237 -14.31 -14.34 -3.61
N GLY A 238 -13.41 -15.32 -3.76
CA GLY A 238 -12.03 -15.09 -3.56
C GLY A 238 -11.42 -14.11 -4.52
N VAL A 239 -11.74 -14.23 -5.81
CA VAL A 239 -11.21 -13.28 -6.83
C VAL A 239 -11.79 -11.89 -6.52
N HIS A 240 -13.08 -11.84 -6.16
CA HIS A 240 -13.67 -10.54 -5.78
C HIS A 240 -12.87 -9.82 -4.69
N LYS A 241 -12.43 -10.56 -3.67
CA LYS A 241 -11.64 -9.92 -2.59
C LYS A 241 -10.23 -9.62 -3.05
N LEU A 242 -9.61 -10.62 -3.68
CA LEU A 242 -8.20 -10.35 -4.08
C LEU A 242 -8.03 -9.16 -5.07
N LEU A 243 -8.82 -9.22 -6.13
CA LEU A 243 -8.74 -8.18 -7.16
C LEU A 243 -9.31 -6.86 -6.61
N GLY A 244 -10.42 -6.93 -5.93
CA GLY A 244 -11.05 -5.70 -5.36
C GLY A 244 -10.07 -4.93 -4.44
N SER A 245 -9.40 -5.68 -3.59
N SER A 245 -9.36 -5.65 -3.58
CA SER A 245 -8.52 -5.05 -2.63
CA SER A 245 -8.48 -5.00 -2.61
C SER A 245 -7.38 -4.39 -3.40
C SER A 245 -7.27 -4.43 -3.33
N TYR A 246 -6.85 -5.14 -4.36
CA TYR A 246 -5.71 -4.64 -5.16
C TYR A 246 -6.02 -3.31 -5.89
N LEU A 247 -7.19 -3.27 -6.50
CA LEU A 247 -7.49 -2.19 -7.40
C LEU A 247 -7.65 -0.85 -6.67
N GLU A 248 -7.92 -0.90 -5.36
CA GLU A 248 -8.31 0.31 -4.67
C GLU A 248 -7.17 1.34 -4.67
N GLN A 249 -5.95 0.88 -4.89
CA GLN A 249 -4.76 1.78 -4.84
C GLN A 249 -4.74 2.69 -6.09
N PHE A 250 -5.48 2.35 -7.14
CA PHE A 250 -5.31 3.11 -8.40
C PHE A 250 -6.18 4.36 -8.45
N ASN A 251 -5.76 5.26 -9.37
CA ASN A 251 -6.53 6.47 -9.60
CA ASN A 251 -6.45 6.53 -9.68
C ASN A 251 -7.72 6.27 -10.51
N LEU A 252 -7.77 5.13 -11.20
CA LEU A 252 -8.92 4.87 -12.06
C LEU A 252 -9.15 3.38 -12.13
N TYR A 253 -10.36 2.91 -11.76
CA TYR A 253 -10.56 1.47 -11.85
C TYR A 253 -12.05 1.20 -11.80
N ALA A 254 -12.49 0.02 -12.23
CA ALA A 254 -13.87 -0.41 -12.12
C ALA A 254 -14.07 -0.97 -10.72
N VAL A 255 -15.28 -0.73 -10.15
CA VAL A 255 -15.64 -1.28 -8.89
C VAL A 255 -16.52 -2.51 -9.14
N PHE A 256 -15.89 -3.70 -9.13
CA PHE A 256 -16.70 -4.91 -9.56
C PHE A 256 -17.59 -5.49 -8.50
N THR A 257 -18.84 -5.82 -8.82
CA THR A 257 -19.65 -6.60 -7.90
C THR A 257 -19.21 -8.09 -8.05
N LYS A 258 -19.70 -9.00 -7.16
CA LYS A 258 -19.49 -10.46 -7.36
C LYS A 258 -20.05 -10.95 -8.68
N GLU A 259 -21.20 -10.45 -9.09
CA GLU A 259 -21.76 -10.86 -10.39
CA GLU A 259 -21.79 -10.83 -10.40
C GLU A 259 -20.88 -10.36 -11.57
N GLU A 260 -20.25 -9.19 -11.41
CA GLU A 260 -19.36 -8.74 -12.43
C GLU A 260 -18.08 -9.59 -12.49
N ILE A 261 -17.49 -9.94 -11.32
CA ILE A 261 -16.34 -10.81 -11.33
C ILE A 261 -16.69 -12.16 -12.01
N ALA A 262 -17.86 -12.73 -11.74
CA ALA A 262 -18.12 -13.97 -12.46
C ALA A 262 -18.17 -13.77 -13.95
N HIS A 263 -18.81 -12.69 -14.35
CA HIS A 263 -18.87 -12.45 -15.77
C HIS A 263 -17.54 -12.20 -16.42
N TRP A 264 -16.83 -11.30 -15.83
CA TRP A 264 -15.58 -10.88 -16.49
C TRP A 264 -14.44 -11.88 -16.44
N PHE A 265 -14.43 -12.77 -15.46
CA PHE A 265 -13.31 -13.70 -15.26
C PHE A 265 -13.62 -15.17 -15.42
N LEU A 266 -14.85 -15.64 -15.33
CA LEU A 266 -15.01 -17.09 -15.51
C LEU A 266 -14.54 -17.47 -16.94
N PRO A 267 -13.77 -18.54 -17.06
CA PRO A 267 -13.16 -18.75 -18.40
C PRO A 267 -14.08 -19.16 -19.49
N ILE A 268 -13.82 -18.65 -20.69
CA ILE A 268 -14.50 -18.96 -21.93
C ILE A 268 -13.40 -19.18 -23.00
N GLU A 269 -13.36 -20.41 -23.55
CA GLU A 269 -12.26 -20.79 -24.42
C GLU A 269 -12.27 -19.82 -25.62
N ASN A 270 -11.08 -19.38 -25.99
CA ASN A 270 -10.89 -18.43 -27.09
C ASN A 270 -11.55 -17.09 -26.83
N VAL A 271 -11.84 -16.78 -25.58
CA VAL A 271 -12.31 -15.42 -25.21
C VAL A 271 -11.58 -14.86 -24.02
N ILE A 272 -11.69 -15.50 -22.84
CA ILE A 272 -11.17 -15.05 -21.57
C ILE A 272 -10.59 -16.18 -20.75
N TYR A 273 -9.36 -16.00 -20.35
CA TYR A 273 -8.62 -16.97 -19.54
C TYR A 273 -8.28 -16.42 -18.16
N THR A 274 -8.73 -17.07 -17.09
CA THR A 274 -8.41 -16.68 -15.73
C THR A 274 -7.86 -17.88 -14.99
N TYR A 275 -6.69 -17.70 -14.40
CA TYR A 275 -6.04 -18.77 -13.63
C TYR A 275 -5.93 -18.27 -12.19
N VAL A 276 -6.08 -19.18 -11.23
CA VAL A 276 -5.99 -18.75 -9.84
C VAL A 276 -5.07 -19.68 -9.01
N ASN A 277 -4.49 -19.14 -7.95
CA ASN A 277 -3.75 -19.96 -6.95
C ASN A 277 -4.47 -19.98 -5.63
N GLU A 278 -5.00 -21.13 -5.24
CA GLU A 278 -5.72 -21.25 -3.99
C GLU A 278 -4.88 -21.90 -2.92
N GLU A 279 -4.88 -21.33 -1.72
CA GLU A 279 -4.03 -21.76 -0.64
C GLU A 279 -4.88 -21.61 0.62
N ASN A 280 -5.21 -22.72 1.30
CA ASN A 280 -6.14 -22.63 2.46
C ASN A 280 -7.53 -22.02 2.21
N GLY A 281 -8.22 -22.45 1.17
CA GLY A 281 -9.48 -21.82 0.81
C GLY A 281 -9.46 -20.35 0.41
N LYS A 282 -8.27 -19.71 0.36
CA LYS A 282 -8.14 -18.31 -0.08
C LYS A 282 -7.43 -18.18 -1.46
N ILE A 283 -7.95 -17.29 -2.30
CA ILE A 283 -7.35 -17.08 -3.63
C ILE A 283 -6.21 -16.06 -3.42
N LYS A 284 -4.99 -16.49 -3.63
CA LYS A 284 -3.87 -15.64 -3.25
C LYS A 284 -3.14 -14.97 -4.42
N ASP A 285 -3.37 -15.48 -5.63
CA ASP A 285 -2.78 -14.94 -6.88
C ASP A 285 -3.74 -15.26 -8.01
N MET A 286 -3.78 -14.36 -8.98
CA MET A 286 -4.56 -14.61 -10.19
C MET A 286 -3.85 -14.01 -11.40
N ILE A 287 -4.12 -14.64 -12.51
CA ILE A 287 -3.63 -14.20 -13.80
C ILE A 287 -4.81 -14.21 -14.79
N SER A 288 -4.94 -13.21 -15.66
CA SER A 288 -5.95 -13.26 -16.66
C SER A 288 -5.57 -12.51 -17.88
N PHE A 289 -6.05 -13.07 -18.98
CA PHE A 289 -5.79 -12.48 -20.33
C PHE A 289 -6.91 -12.84 -21.26
N TYR A 290 -7.15 -11.93 -22.24
CA TYR A 290 -8.27 -12.17 -23.20
C TYR A 290 -7.71 -12.44 -24.56
N SER A 291 -8.49 -13.11 -25.36
CA SER A 291 -8.09 -13.43 -26.75
C SER A 291 -8.54 -12.37 -27.78
N LEU A 292 -7.57 -11.72 -28.50
CA LEU A 292 -7.95 -10.78 -29.55
C LEU A 292 -6.99 -11.03 -30.75
N PRO A 293 -7.44 -11.83 -31.70
CA PRO A 293 -6.69 -12.20 -32.89
C PRO A 293 -6.72 -11.04 -33.84
N SER A 294 -5.75 -11.01 -34.73
CA SER A 294 -5.83 -10.09 -35.83
C SER A 294 -5.77 -10.87 -37.12
N GLN A 295 -6.64 -10.48 -38.07
CA GLN A 295 -6.52 -10.98 -39.39
C GLN A 295 -5.21 -10.41 -39.97
N ILE A 296 -4.51 -11.31 -40.64
CA ILE A 296 -3.26 -10.90 -41.32
C ILE A 296 -3.61 -10.66 -42.77
N LEU A 297 -3.36 -9.41 -43.18
CA LEU A 297 -3.81 -8.96 -44.48
C LEU A 297 -2.87 -9.45 -45.61
N GLY A 298 -3.40 -10.25 -46.52
CA GLY A 298 -2.65 -10.71 -47.73
C GLY A 298 -1.35 -11.45 -47.42
N ASN A 299 -1.49 -12.62 -46.81
CA ASN A 299 -0.35 -13.46 -46.46
C ASN A 299 -0.74 -14.87 -46.82
N ASP A 300 0.11 -15.54 -47.59
CA ASP A 300 -0.27 -16.82 -48.22
C ASP A 300 -0.13 -17.98 -47.22
N LYS A 301 0.61 -17.75 -46.15
CA LYS A 301 0.87 -18.79 -45.19
C LYS A 301 -0.07 -18.68 -44.00
N TYR A 302 -0.18 -17.46 -43.45
CA TYR A 302 -0.97 -17.28 -42.25
C TYR A 302 -2.05 -16.23 -42.43
N SER A 303 -3.21 -16.62 -41.98
CA SER A 303 -4.35 -15.76 -41.97
C SER A 303 -4.57 -15.01 -40.65
N THR A 304 -4.01 -15.51 -39.52
CA THR A 304 -4.42 -15.04 -38.17
C THR A 304 -3.28 -14.94 -37.25
N LEU A 305 -3.21 -13.80 -36.59
CA LEU A 305 -2.29 -13.66 -35.54
C LEU A 305 -3.08 -13.92 -34.24
N ASN A 306 -2.71 -14.99 -33.53
CA ASN A 306 -3.27 -15.30 -32.22
C ASN A 306 -2.58 -14.56 -31.09
N ALA A 307 -3.22 -13.51 -30.60
CA ALA A 307 -2.71 -12.69 -29.52
C ALA A 307 -3.47 -12.77 -28.23
N ALA A 308 -2.73 -12.89 -27.13
CA ALA A 308 -3.26 -12.71 -25.80
C ALA A 308 -3.01 -11.31 -25.28
N TYR A 309 -3.98 -10.69 -24.63
CA TYR A 309 -3.87 -9.39 -24.04
C TYR A 309 -4.00 -9.48 -22.55
N SER A 310 -3.03 -9.01 -21.83
CA SER A 310 -3.10 -8.99 -20.37
C SER A 310 -4.32 -8.24 -19.87
N PHE A 311 -4.98 -8.83 -18.86
CA PHE A 311 -6.25 -8.25 -18.33
C PHE A 311 -5.97 -7.79 -16.90
N TYR A 312 -6.19 -8.65 -15.90
CA TYR A 312 -5.84 -8.33 -14.50
C TYR A 312 -4.99 -9.41 -13.88
N ASN A 313 -3.91 -9.02 -13.26
CA ASN A 313 -2.96 -9.94 -12.62
C ASN A 313 -2.64 -9.44 -11.21
N VAL A 314 -2.69 -10.32 -10.21
CA VAL A 314 -2.46 -9.96 -8.84
C VAL A 314 -1.65 -11.12 -8.15
N THR A 315 -0.58 -10.72 -7.49
CA THR A 315 0.14 -11.73 -6.71
C THR A 315 0.32 -11.31 -5.28
N THR A 316 0.15 -12.28 -4.39
CA THR A 316 0.66 -12.13 -3.02
C THR A 316 1.67 -13.16 -2.56
N THR A 317 1.94 -14.18 -3.37
CA THR A 317 2.85 -15.24 -2.92
C THR A 317 4.09 -15.36 -3.79
N ALA A 318 4.21 -14.50 -4.81
CA ALA A 318 5.37 -14.53 -5.66
C ALA A 318 5.73 -13.08 -5.95
N THR A 319 6.77 -12.83 -6.73
CA THR A 319 6.97 -11.49 -7.24
C THR A 319 6.09 -11.19 -8.47
N PHE A 320 5.81 -9.93 -8.71
CA PHE A 320 5.17 -9.55 -9.98
C PHE A 320 5.83 -10.12 -11.20
N LYS A 321 7.16 -10.03 -11.27
CA LYS A 321 7.87 -10.60 -12.41
CA LYS A 321 7.88 -10.60 -12.39
C LYS A 321 7.60 -12.08 -12.53
N GLN A 322 7.66 -12.79 -11.41
CA GLN A 322 7.32 -14.25 -11.47
C GLN A 322 5.89 -14.58 -11.91
N LEU A 323 4.97 -13.69 -11.50
CA LEU A 323 3.55 -13.93 -11.88
C LEU A 323 3.39 -13.71 -13.41
N MET A 324 4.00 -12.63 -13.93
CA MET A 324 3.92 -12.33 -15.37
C MET A 324 4.63 -13.36 -16.26
N GLN A 325 5.68 -13.99 -15.72
CA GLN A 325 6.35 -15.04 -16.42
CA GLN A 325 6.36 -15.04 -16.47
C GLN A 325 5.40 -16.23 -16.59
N ASP A 326 4.75 -16.56 -15.49
CA ASP A 326 3.65 -17.54 -15.55
C ASP A 326 2.49 -17.14 -16.49
N ALA A 327 2.14 -15.83 -16.53
CA ALA A 327 1.18 -15.40 -17.54
C ALA A 327 1.59 -15.70 -19.00
N ILE A 328 2.86 -15.40 -19.34
CA ILE A 328 3.41 -15.68 -20.64
C ILE A 328 3.39 -17.18 -20.94
N LEU A 329 3.72 -18.00 -19.95
CA LEU A 329 3.69 -19.44 -20.10
C LEU A 329 2.26 -19.95 -20.33
N LEU A 330 1.30 -19.41 -19.57
CA LEU A 330 -0.13 -19.89 -19.68
C LEU A 330 -0.68 -19.48 -21.09
N ALA A 331 -0.22 -18.31 -21.60
CA ALA A 331 -0.65 -17.90 -22.91
C ALA A 331 0.04 -18.80 -23.93
N LYS A 332 1.31 -19.17 -23.71
CA LYS A 332 1.96 -20.11 -24.66
C LYS A 332 1.22 -21.45 -24.71
N ARG A 333 0.86 -21.93 -23.53
CA ARG A 333 0.20 -23.21 -23.39
C ARG A 333 -1.12 -23.21 -24.05
N ASN A 334 -1.70 -22.02 -24.27
CA ASN A 334 -3.04 -21.90 -24.88
C ASN A 334 -2.92 -21.44 -26.34
N ASN A 335 -1.74 -21.68 -26.89
N ASN A 335 -1.75 -21.70 -26.90
CA ASN A 335 -1.51 -21.58 -28.34
CA ASN A 335 -1.50 -21.59 -28.34
C ASN A 335 -1.39 -20.13 -28.88
C ASN A 335 -1.51 -20.13 -28.87
N PHE A 336 -1.24 -19.16 -27.99
CA PHE A 336 -1.01 -17.76 -28.43
C PHE A 336 0.36 -17.50 -29.02
N ASP A 337 0.48 -16.53 -29.98
CA ASP A 337 1.72 -16.32 -30.67
C ASP A 337 2.41 -15.20 -30.00
N VAL A 338 1.67 -14.37 -29.26
CA VAL A 338 2.32 -13.17 -28.65
C VAL A 338 1.48 -12.80 -27.43
N PHE A 339 2.10 -12.26 -26.39
CA PHE A 339 1.34 -11.75 -25.24
C PHE A 339 1.56 -10.24 -25.18
N ASN A 340 0.45 -9.46 -25.20
CA ASN A 340 0.50 -8.03 -25.21
C ASN A 340 0.07 -7.50 -23.86
N ALA A 341 0.61 -6.37 -23.51
CA ALA A 341 0.19 -5.68 -22.26
C ALA A 341 0.41 -4.18 -22.40
N LEU A 342 -0.36 -3.38 -21.69
CA LEU A 342 -0.10 -1.94 -21.58
C LEU A 342 0.68 -1.59 -20.33
N GLU A 343 1.37 -0.44 -20.40
CA GLU A 343 2.13 0.02 -19.26
C GLU A 343 1.22 0.64 -18.13
N VAL A 344 0.19 -0.09 -17.72
CA VAL A 344 -0.69 0.23 -16.62
C VAL A 344 -0.46 -0.67 -15.38
N MET A 345 -1.07 -0.33 -14.26
CA MET A 345 -0.85 -1.07 -13.00
C MET A 345 0.68 -1.27 -12.78
N GLN A 346 1.14 -2.50 -12.47
CA GLN A 346 2.56 -2.75 -12.26
CA GLN A 346 2.55 -2.80 -12.22
C GLN A 346 3.29 -3.28 -13.45
N ASN A 347 2.67 -3.17 -14.62
CA ASN A 347 3.20 -3.89 -15.75
C ASN A 347 4.52 -3.45 -16.28
N LYS A 348 4.79 -2.13 -16.30
CA LYS A 348 6.00 -1.66 -16.94
C LYS A 348 7.23 -2.21 -16.20
N SER A 349 7.08 -2.49 -14.89
CA SER A 349 8.16 -2.94 -14.03
C SER A 349 8.78 -4.24 -14.52
N VAL A 350 8.08 -5.00 -15.35
CA VAL A 350 8.58 -6.34 -15.74
C VAL A 350 8.90 -6.43 -17.20
N PHE A 351 8.60 -5.40 -17.98
CA PHE A 351 8.77 -5.49 -19.42
C PHE A 351 10.23 -5.72 -19.83
N GLU A 352 11.20 -5.05 -19.21
CA GLU A 352 12.58 -5.28 -19.62
CA GLU A 352 12.59 -5.27 -19.63
C GLU A 352 13.04 -6.71 -19.28
N ASP A 353 12.92 -7.10 -18.01
CA ASP A 353 13.36 -8.43 -17.61
C ASP A 353 12.61 -9.60 -18.34
N LEU A 354 11.33 -9.44 -18.68
CA LEU A 354 10.59 -10.48 -19.38
C LEU A 354 10.68 -10.34 -20.91
N LYS A 355 11.60 -9.50 -21.41
CA LYS A 355 11.80 -9.48 -22.85
C LYS A 355 10.61 -8.98 -23.70
N PHE A 356 9.78 -8.11 -23.15
CA PHE A 356 8.80 -7.33 -23.95
C PHE A 356 9.49 -6.31 -24.88
N GLY A 357 8.90 -6.07 -26.05
CA GLY A 357 9.37 -5.00 -26.93
C GLY A 357 8.38 -3.88 -26.93
N GLU A 358 8.87 -2.64 -27.04
CA GLU A 358 7.92 -1.48 -27.13
C GLU A 358 7.14 -1.47 -28.41
N GLY A 359 5.79 -1.30 -28.38
CA GLY A 359 5.04 -1.35 -29.67
C GLY A 359 5.01 0.02 -30.34
N ASP A 360 4.15 0.22 -31.34
CA ASP A 360 4.11 1.54 -31.98
C ASP A 360 3.09 2.53 -31.43
N GLY A 361 1.93 2.05 -31.03
CA GLY A 361 0.96 3.04 -30.62
C GLY A 361 1.07 3.36 -29.13
N SER A 362 0.24 4.29 -28.72
CA SER A 362 -0.21 4.22 -27.35
C SER A 362 -1.76 4.19 -27.28
N LEU A 363 -2.26 3.73 -26.16
CA LEU A 363 -3.72 3.73 -25.93
C LEU A 363 -4.01 4.89 -24.98
N LYS A 364 -4.83 5.84 -25.45
CA LYS A 364 -5.28 6.95 -24.58
C LYS A 364 -6.58 6.57 -23.84
N TYR A 365 -6.64 6.95 -22.59
CA TYR A 365 -7.84 6.75 -21.76
C TYR A 365 -8.63 8.07 -21.59
N TYR A 366 -9.96 8.03 -21.67
CA TYR A 366 -10.76 9.26 -21.73
C TYR A 366 -11.90 9.18 -20.80
N LEU A 367 -12.29 10.33 -20.27
CA LEU A 367 -13.63 10.40 -19.56
C LEU A 367 -14.48 11.42 -20.27
N TYR A 368 -15.79 11.12 -20.35
CA TYR A 368 -16.75 12.09 -20.90
C TYR A 368 -17.47 12.78 -19.78
N ASN A 369 -17.60 14.13 -19.88
CA ASN A 369 -18.27 14.95 -18.86
C ASN A 369 -17.59 14.78 -17.47
N TRP A 370 -16.26 14.85 -17.42
CA TRP A 370 -15.51 14.72 -16.13
C TRP A 370 -14.24 15.49 -16.13
N LYS A 371 -14.09 16.32 -15.13
CA LYS A 371 -12.96 17.23 -15.05
C LYS A 371 -12.09 16.71 -13.88
N CYS A 372 -10.79 16.41 -14.14
CA CYS A 372 -9.93 15.88 -13.06
C CYS A 372 -8.46 16.02 -13.57
N ALA A 373 -7.49 15.78 -12.69
CA ALA A 373 -6.08 15.82 -13.11
C ALA A 373 -5.74 14.61 -13.91
N SER A 374 -4.85 14.81 -14.90
CA SER A 374 -4.33 13.64 -15.57
C SER A 374 -3.24 12.98 -14.71
N PHE A 375 -2.85 11.78 -15.12
CA PHE A 375 -1.90 10.98 -14.32
C PHE A 375 -1.14 9.97 -15.18
N ALA A 376 0.03 9.59 -14.68
CA ALA A 376 0.83 8.50 -15.27
C ALA A 376 0.09 7.15 -15.34
N PRO A 377 0.39 6.35 -16.40
CA PRO A 377 -0.47 5.12 -16.59
C PRO A 377 -0.16 4.05 -15.53
N ALA A 378 0.92 4.16 -14.73
CA ALA A 378 1.03 3.23 -13.62
C ALA A 378 -0.15 3.38 -12.63
N HIS A 379 -0.84 4.56 -12.71
CA HIS A 379 -1.94 4.85 -11.78
C HIS A 379 -3.20 4.47 -12.38
N VAL A 380 -3.17 4.00 -13.64
CA VAL A 380 -4.40 3.42 -14.24
C VAL A 380 -4.63 1.97 -13.79
N GLY A 381 -5.85 1.62 -13.35
CA GLY A 381 -6.15 0.24 -12.88
C GLY A 381 -7.37 -0.37 -13.52
N ILE A 382 -7.51 -0.05 -14.81
CA ILE A 382 -8.60 -0.62 -15.62
C ILE A 382 -8.10 -0.90 -17.01
N VAL A 383 -8.52 -2.03 -17.56
CA VAL A 383 -8.17 -2.41 -18.92
C VAL A 383 -9.48 -2.65 -19.66
N LEU A 384 -9.73 -1.83 -20.66
CA LEU A 384 -10.96 -1.96 -21.53
C LEU A 384 -10.70 -2.94 -22.68
N LEU A 385 -11.76 -3.53 -23.23
CA LEU A 385 -11.53 -4.58 -24.25
C LEU A 385 -11.11 -4.03 -25.65
N MET B 1 30.09 -10.97 -14.00
CA MET B 1 30.81 -10.24 -12.91
C MET B 1 30.83 -11.08 -11.61
N ASP B 2 31.98 -11.17 -10.94
CA ASP B 2 32.18 -12.13 -9.85
C ASP B 2 31.71 -11.66 -8.45
N TYR B 3 31.82 -10.35 -8.19
CA TYR B 3 31.49 -9.75 -6.90
C TYR B 3 32.13 -10.42 -5.65
N LYS B 4 33.46 -10.49 -5.65
CA LYS B 4 34.18 -11.28 -4.63
C LYS B 4 34.08 -10.64 -3.23
N PHE B 5 34.06 -9.29 -3.19
CA PHE B 5 33.79 -8.63 -1.95
C PHE B 5 32.29 -8.68 -1.64
N TRP B 6 31.50 -8.17 -2.61
CA TRP B 6 30.06 -8.07 -2.27
C TRP B 6 29.41 -9.37 -1.81
N TYR B 7 29.85 -10.51 -2.37
CA TYR B 7 29.17 -11.77 -1.98
C TYR B 7 29.44 -12.24 -0.54
N THR B 8 30.46 -11.65 0.10
CA THR B 8 30.74 -11.85 1.52
C THR B 8 29.85 -10.98 2.43
N GLN B 9 29.12 -10.01 1.83
CA GLN B 9 28.23 -9.13 2.62
C GLN B 9 26.76 -9.57 2.69
N PRO B 10 25.97 -9.08 3.70
CA PRO B 10 24.53 -9.40 3.82
C PRO B 10 23.73 -8.53 2.88
N VAL B 11 23.87 -8.83 1.60
CA VAL B 11 23.18 -8.12 0.56
C VAL B 11 22.67 -9.22 -0.33
N PRO B 12 21.67 -8.93 -1.16
CA PRO B 12 21.14 -10.00 -2.02
C PRO B 12 22.12 -10.54 -3.04
N LYS B 13 22.06 -11.83 -3.38
CA LYS B 13 22.83 -12.36 -4.51
C LYS B 13 22.11 -11.91 -5.74
N ILE B 14 22.92 -11.75 -6.80
CA ILE B 14 22.44 -11.38 -8.13
C ILE B 14 21.07 -11.93 -8.52
N ASN B 15 20.82 -13.21 -8.24
CA ASN B 15 19.54 -13.85 -8.61
C ASN B 15 18.50 -13.97 -7.49
N ASP B 16 18.74 -13.33 -6.35
CA ASP B 16 17.75 -13.31 -5.27
C ASP B 16 16.55 -12.45 -5.69
N GLU B 17 15.34 -12.99 -5.50
CA GLU B 17 14.11 -12.30 -5.79
C GLU B 17 13.19 -12.51 -4.62
N PHE B 18 12.84 -11.45 -3.88
CA PHE B 18 11.88 -11.60 -2.76
C PHE B 18 10.51 -11.03 -3.05
N ASN B 19 9.47 -11.68 -2.51
CA ASN B 19 8.05 -11.24 -2.52
CA ASN B 19 8.16 -11.11 -2.69
C ASN B 19 7.83 -10.04 -1.67
N GLU B 20 6.71 -9.35 -1.86
CA GLU B 20 6.45 -8.16 -1.05
C GLU B 20 6.22 -8.42 0.42
N SER B 21 5.88 -9.64 0.77
CA SER B 21 5.74 -10.05 2.17
C SER B 21 7.09 -10.28 2.90
N VAL B 22 8.20 -10.22 2.16
CA VAL B 22 9.50 -10.31 2.82
C VAL B 22 9.98 -8.87 2.95
N ASN B 23 10.31 -8.52 4.20
CA ASN B 23 10.79 -7.16 4.52
C ASN B 23 11.49 -7.19 5.89
N GLU B 24 12.77 -7.53 5.89
CA GLU B 24 13.45 -7.85 7.14
C GLU B 24 14.97 -7.89 6.85
N PRO B 25 15.79 -7.90 7.91
CA PRO B 25 17.19 -8.06 7.76
C PRO B 25 17.62 -9.41 7.18
N PHE B 26 18.79 -9.44 6.54
CA PHE B 26 19.38 -10.73 6.27
C PHE B 26 19.88 -11.33 7.58
N ILE B 27 20.47 -10.52 8.44
CA ILE B 27 20.98 -10.99 9.72
C ILE B 27 20.44 -10.14 10.82
N SER B 28 19.74 -10.81 11.78
CA SER B 28 19.05 -10.17 12.88
C SER B 28 19.75 -10.47 14.19
N ASP B 29 19.21 -9.91 15.30
CA ASP B 29 19.73 -10.21 16.67
C ASP B 29 21.19 -9.80 16.84
N ASN B 30 21.60 -8.73 16.17
CA ASN B 30 23.00 -8.28 16.26
C ASN B 30 23.35 -7.61 17.60
N LYS B 31 24.60 -7.68 18.01
CA LYS B 31 24.92 -7.18 19.33
C LYS B 31 26.13 -6.30 19.25
N VAL B 32 25.96 -5.09 19.72
CA VAL B 32 27.09 -4.14 19.82
C VAL B 32 28.35 -4.75 20.46
N GLU B 33 28.18 -5.57 21.52
CA GLU B 33 29.26 -6.13 22.33
C GLU B 33 30.14 -7.03 21.48
N ASP B 34 29.63 -7.53 20.35
CA ASP B 34 30.34 -8.46 19.46
C ASP B 34 31.16 -7.78 18.31
N VAL B 35 30.84 -6.52 18.02
CA VAL B 35 31.37 -5.82 16.85
C VAL B 35 32.82 -5.70 17.15
N ARG B 36 33.62 -5.85 16.09
CA ARG B 36 35.05 -5.70 16.13
C ARG B 36 35.38 -4.31 16.70
N LYS B 37 36.30 -4.30 17.69
CA LYS B 37 36.72 -3.04 18.31
C LYS B 37 37.99 -2.39 17.76
N ASP B 38 38.69 -3.05 16.86
CA ASP B 38 39.94 -2.59 16.30
C ASP B 38 39.63 -2.12 14.87
N GLU B 39 40.28 -1.06 14.45
CA GLU B 39 40.14 -0.59 13.05
C GLU B 39 40.69 -1.60 12.06
N TYR B 40 40.15 -1.65 10.86
CA TYR B 40 40.54 -2.59 9.85
C TYR B 40 41.96 -2.20 9.44
N LYS B 41 42.72 -3.20 9.03
CA LYS B 41 44.12 -2.98 8.72
C LYS B 41 44.16 -2.38 7.34
N LEU B 42 45.09 -1.46 7.16
CA LEU B 42 45.28 -0.80 5.89
C LEU B 42 46.64 -1.26 5.37
N PRO B 43 46.92 -1.11 4.07
CA PRO B 43 48.30 -1.50 3.62
C PRO B 43 49.37 -0.58 4.18
N PRO B 44 50.62 -1.05 4.17
CA PRO B 44 51.68 -0.29 4.82
C PRO B 44 51.82 1.12 4.21
N GLY B 45 51.96 2.11 5.09
CA GLY B 45 52.17 3.48 4.62
C GLY B 45 50.91 4.33 4.65
N TYR B 46 49.75 3.67 4.86
CA TYR B 46 48.39 4.28 4.96
C TYR B 46 47.80 4.26 6.39
N SER B 47 47.05 5.31 6.79
CA SER B 47 46.47 5.42 8.13
CA SER B 47 46.46 5.40 8.12
C SER B 47 45.10 6.03 8.03
N TRP B 48 44.23 5.57 8.91
CA TRP B 48 42.94 6.23 9.13
C TRP B 48 43.15 7.63 9.65
N TYR B 49 42.28 8.54 9.19
CA TYR B 49 42.29 9.94 9.65
C TYR B 49 40.86 10.29 10.11
N VAL B 50 40.83 11.01 11.24
CA VAL B 50 39.58 11.48 11.78
C VAL B 50 39.25 12.81 11.12
N CYS B 51 38.36 12.82 10.12
CA CYS B 51 38.06 14.06 9.41
C CYS B 51 37.07 14.83 10.27
N ASP B 52 37.45 16.05 10.67
CA ASP B 52 36.58 16.99 11.36
C ASP B 52 35.97 17.91 10.30
N VAL B 53 34.77 17.57 9.80
CA VAL B 53 34.19 18.35 8.70
CA VAL B 53 34.12 18.32 8.73
C VAL B 53 33.92 19.83 9.08
N LYS B 54 33.82 20.14 10.39
CA LYS B 54 33.67 21.54 10.82
C LYS B 54 34.98 22.29 10.82
N ASP B 55 36.07 21.60 10.64
CA ASP B 55 37.35 22.19 10.56
C ASP B 55 37.64 22.51 9.11
N GLU B 56 37.81 23.80 8.87
CA GLU B 56 38.19 24.32 7.59
C GLU B 56 39.35 23.54 6.95
N LYS B 57 40.39 23.21 7.70
CA LYS B 57 41.54 22.50 7.12
CA LYS B 57 41.52 22.53 7.07
C LYS B 57 41.16 21.10 6.67
N ASP B 58 40.49 20.38 7.57
CA ASP B 58 40.02 19.03 7.27
C ASP B 58 39.04 19.06 6.07
N ARG B 59 38.09 19.99 6.08
CA ARG B 59 37.10 20.03 5.04
C ARG B 59 37.74 20.41 3.73
N SER B 60 38.81 21.24 3.72
CA SER B 60 39.49 21.57 2.51
C SER B 60 40.18 20.39 1.88
N GLU B 61 40.81 19.54 2.70
CA GLU B 61 41.33 18.27 2.27
C GLU B 61 40.28 17.35 1.62
N ILE B 62 39.07 17.17 2.23
CA ILE B 62 38.04 16.37 1.60
C ILE B 62 37.68 16.98 0.24
N TYR B 63 37.52 18.30 0.23
CA TYR B 63 37.18 18.98 -1.02
C TYR B 63 38.22 18.71 -2.10
N THR B 64 39.52 18.88 -1.76
CA THR B 64 40.58 18.58 -2.76
C THR B 64 40.50 17.14 -3.30
N LEU B 65 40.29 16.17 -2.40
CA LEU B 65 40.28 14.79 -2.81
C LEU B 65 39.06 14.54 -3.79
N LEU B 66 37.88 15.04 -3.44
CA LEU B 66 36.72 14.87 -4.32
C LEU B 66 36.80 15.71 -5.59
N THR B 67 37.28 16.96 -5.50
CA THR B 67 37.40 17.79 -6.73
C THR B 67 38.23 17.05 -7.80
N ASP B 68 39.25 16.32 -7.32
CA ASP B 68 40.26 15.72 -8.21
C ASP B 68 39.95 14.33 -8.62
N ASN B 69 39.08 13.66 -7.85
CA ASN B 69 39.02 12.22 -7.96
C ASN B 69 37.61 11.68 -7.86
N TYR B 70 36.59 12.53 -7.77
CA TYR B 70 35.21 11.92 -7.65
C TYR B 70 34.59 11.51 -9.02
N VAL B 71 33.27 11.21 -9.03
CA VAL B 71 32.61 10.68 -10.21
C VAL B 71 32.75 11.53 -11.45
N GLU B 72 33.16 10.88 -12.54
CA GLU B 72 33.23 11.48 -13.88
C GLU B 72 32.18 10.92 -14.82
N ASP B 73 31.83 11.65 -15.89
CA ASP B 73 30.89 11.09 -16.84
C ASP B 73 31.63 9.98 -17.64
N ASP B 74 30.87 9.18 -18.41
CA ASP B 74 31.46 8.21 -19.37
C ASP B 74 32.65 8.69 -20.23
N ASP B 75 32.61 9.93 -20.74
CA ASP B 75 33.66 10.43 -21.65
C ASP B 75 34.73 11.29 -20.97
N ASN B 76 34.68 11.33 -19.64
CA ASN B 76 35.67 12.02 -18.79
C ASN B 76 35.82 13.50 -19.15
N ILE B 77 34.66 14.11 -19.43
CA ILE B 77 34.56 15.53 -19.78
C ILE B 77 34.15 16.34 -18.56
N PHE B 78 33.49 15.68 -17.62
CA PHE B 78 32.86 16.36 -16.48
C PHE B 78 33.14 15.52 -15.23
N ARG B 79 33.45 16.22 -14.16
CA ARG B 79 33.69 15.57 -12.85
C ARG B 79 32.91 16.35 -11.85
N PHE B 80 32.12 15.64 -11.05
CA PHE B 80 31.35 16.27 -9.97
C PHE B 80 32.27 17.10 -9.09
N ASN B 81 31.80 18.25 -8.67
CA ASN B 81 32.59 19.17 -7.89
C ASN B 81 31.76 19.80 -6.76
N TYR B 82 31.32 18.93 -5.81
CA TYR B 82 30.64 19.39 -4.63
C TYR B 82 31.49 20.50 -3.99
N SER B 83 30.86 21.57 -3.54
CA SER B 83 31.62 22.69 -2.92
C SER B 83 31.90 22.29 -1.43
N ALA B 84 32.88 22.95 -0.83
CA ALA B 84 33.22 22.71 0.52
C ALA B 84 31.98 23.03 1.43
N GLU B 85 31.21 24.06 1.10
CA GLU B 85 30.06 24.41 1.94
CA GLU B 85 30.08 24.43 1.93
C GLU B 85 28.96 23.37 1.77
N PHE B 86 28.88 22.78 0.55
CA PHE B 86 27.90 21.70 0.36
C PHE B 86 28.23 20.51 1.32
N LEU B 87 29.49 20.15 1.32
CA LEU B 87 29.93 18.99 2.08
C LEU B 87 29.66 19.18 3.58
N LEU B 88 29.86 20.40 4.06
CA LEU B 88 29.55 20.74 5.44
C LEU B 88 28.08 20.49 5.71
N TRP B 89 27.20 21.04 4.82
CA TRP B 89 25.75 20.79 4.96
C TRP B 89 25.37 19.30 4.89
N ALA B 90 25.99 18.62 3.96
CA ALA B 90 25.70 17.23 3.69
C ALA B 90 26.07 16.30 4.84
N LEU B 91 27.09 16.69 5.63
CA LEU B 91 27.70 15.76 6.60
C LEU B 91 27.40 16.10 8.05
N THR B 92 26.79 17.29 8.33
CA THR B 92 26.52 17.75 9.72
C THR B 92 25.05 17.90 10.01
N SER B 93 24.26 17.01 9.41
CA SER B 93 22.84 16.90 9.76
C SER B 93 22.57 16.46 11.19
N PRO B 94 21.30 16.59 11.67
CA PRO B 94 21.04 16.34 13.09
C PRO B 94 21.56 14.97 13.59
N ASN B 95 22.26 15.01 14.74
CA ASN B 95 22.79 13.86 15.45
C ASN B 95 23.80 13.10 14.67
N TYR B 96 24.52 13.81 13.79
CA TYR B 96 25.50 13.09 12.97
C TYR B 96 26.61 12.63 13.90
N LEU B 97 27.33 11.62 13.46
CA LEU B 97 28.49 11.09 14.18
CA LEU B 97 28.49 11.10 14.20
C LEU B 97 29.80 11.49 13.54
N LYS B 98 30.69 12.09 14.33
CA LYS B 98 31.98 12.43 13.78
C LYS B 98 32.83 11.16 13.43
N THR B 99 32.56 10.00 14.09
CA THR B 99 33.27 8.74 13.79
C THR B 99 32.94 8.25 12.36
N TRP B 100 31.84 8.76 11.77
CA TRP B 100 31.43 8.34 10.42
C TRP B 100 31.89 9.14 9.29
N HIS B 101 32.87 10.03 9.54
CA HIS B 101 33.52 10.81 8.50
C HIS B 101 34.98 10.37 8.40
N ILE B 102 35.25 9.44 7.49
CA ILE B 102 36.48 8.65 7.60
C ILE B 102 37.44 8.97 6.44
N GLY B 103 38.65 9.52 6.72
CA GLY B 103 39.63 9.63 5.71
C GLY B 103 40.78 8.62 5.82
N VAL B 104 41.50 8.48 4.73
CA VAL B 104 42.72 7.64 4.70
C VAL B 104 43.81 8.50 4.11
N LYS B 105 44.96 8.57 4.83
CA LYS B 105 46.10 9.34 4.37
C LYS B 105 47.27 8.44 4.01
N TYR B 106 48.02 8.87 3.01
CA TYR B 106 49.32 8.29 2.75
C TYR B 106 50.32 9.02 3.65
N ASP B 107 50.89 8.25 4.57
CA ASP B 107 51.66 8.81 5.66
C ASP B 107 52.86 9.62 5.18
N ALA B 108 53.46 9.22 4.05
CA ALA B 108 54.75 9.78 3.68
C ALA B 108 54.59 11.20 3.22
N SER B 109 53.43 11.50 2.64
CA SER B 109 53.15 12.82 2.03
C SER B 109 52.07 13.57 2.82
N ASN B 110 51.50 12.94 3.84
CA ASN B 110 50.46 13.56 4.70
C ASN B 110 49.17 14.03 3.94
N LYS B 111 48.84 13.29 2.88
CA LYS B 111 47.88 13.71 1.85
C LYS B 111 46.69 12.78 1.97
N LEU B 112 45.51 13.35 1.85
CA LEU B 112 44.30 12.56 1.94
C LEU B 112 44.09 11.76 0.62
N ILE B 113 44.00 10.43 0.70
CA ILE B 113 43.89 9.63 -0.51
C ILE B 113 42.58 8.81 -0.58
N GLY B 114 41.84 8.84 0.51
CA GLY B 114 40.55 8.09 0.47
C GLY B 114 39.58 8.73 1.41
N PHE B 115 38.27 8.41 1.23
CA PHE B 115 37.26 9.02 2.13
C PHE B 115 35.99 8.18 1.93
N ILE B 116 35.23 8.11 2.99
CA ILE B 116 33.84 7.59 2.97
C ILE B 116 33.09 8.23 4.12
N SER B 117 31.81 8.45 3.91
CA SER B 117 31.02 9.02 4.99
C SER B 117 29.65 8.39 5.17
N ALA B 118 29.08 8.65 6.34
CA ALA B 118 27.63 8.37 6.53
C ALA B 118 27.01 9.37 7.46
N ILE B 119 25.67 9.50 7.38
CA ILE B 119 24.89 10.23 8.35
C ILE B 119 23.68 9.38 8.73
N PRO B 120 23.16 9.53 9.99
CA PRO B 120 22.03 8.72 10.49
C PRO B 120 20.68 9.20 10.00
N THR B 121 19.74 8.27 9.69
CA THR B 121 18.44 8.83 9.36
C THR B 121 17.44 7.69 9.49
N ASP B 122 16.19 7.98 9.83
CA ASP B 122 15.16 6.95 9.85
C ASP B 122 14.67 6.76 8.41
N ILE B 123 14.66 5.51 7.93
CA ILE B 123 14.21 5.11 6.56
C ILE B 123 12.98 4.18 6.67
N CYS B 124 11.91 4.51 5.98
CA CYS B 124 10.71 3.68 5.92
C CYS B 124 10.82 2.94 4.58
N ILE B 125 10.93 1.62 4.69
CA ILE B 125 11.03 0.68 3.58
C ILE B 125 9.84 -0.27 3.68
N HIS B 126 8.95 -0.26 2.66
CA HIS B 126 7.69 -0.99 2.66
CA HIS B 126 7.71 -1.01 2.65
C HIS B 126 7.04 -0.86 4.01
N LYS B 127 6.97 0.37 4.50
CA LYS B 127 6.20 0.66 5.72
C LYS B 127 6.84 0.30 7.02
N ARG B 128 8.10 -0.14 7.00
CA ARG B 128 8.78 -0.44 8.23
C ARG B 128 9.83 0.60 8.39
N THR B 129 9.82 1.30 9.53
CA THR B 129 10.80 2.38 9.75
C THR B 129 11.97 1.84 10.51
N ILE B 130 13.14 1.98 9.92
CA ILE B 130 14.37 1.43 10.43
C ILE B 130 15.42 2.53 10.59
N LYS B 131 16.14 2.56 11.72
CA LYS B 131 17.29 3.48 11.87
CA LYS B 131 17.26 3.52 11.78
C LYS B 131 18.39 3.01 10.92
N MET B 132 18.83 3.88 10.01
CA MET B 132 19.88 3.51 9.06
C MET B 132 21.02 4.51 8.96
N ALA B 133 22.11 4.09 8.35
CA ALA B 133 23.17 5.06 7.94
C ALA B 133 22.92 5.34 6.46
N GLU B 134 23.14 6.58 6.03
CA GLU B 134 23.05 6.93 4.61
C GLU B 134 24.46 7.17 4.17
N VAL B 135 25.00 6.29 3.34
CA VAL B 135 26.44 6.34 2.96
C VAL B 135 26.72 7.19 1.72
N ASN B 136 27.79 8.01 1.69
CA ASN B 136 28.00 8.80 0.51
C ASN B 136 29.44 9.17 0.44
N PHE B 137 29.91 9.70 -0.74
CA PHE B 137 31.20 10.29 -0.88
C PHE B 137 32.38 9.33 -0.75
N LEU B 138 32.11 8.07 -1.02
CA LEU B 138 33.20 7.05 -1.18
C LEU B 138 34.13 7.46 -2.33
N CYS B 139 35.40 7.60 -2.03
CA CYS B 139 36.34 8.14 -3.03
C CYS B 139 37.76 7.63 -2.74
N VAL B 140 38.34 7.00 -3.73
CA VAL B 140 39.73 6.62 -3.66
C VAL B 140 40.51 7.41 -4.73
N HIS B 141 41.67 7.95 -4.37
CA HIS B 141 42.51 8.69 -5.35
C HIS B 141 42.72 7.94 -6.64
N LYS B 142 42.67 8.65 -7.77
CA LYS B 142 42.88 7.99 -9.04
C LYS B 142 44.19 7.17 -9.16
N THR B 143 45.22 7.57 -8.45
CA THR B 143 46.53 6.86 -8.60
C THR B 143 46.49 5.50 -7.85
N LEU B 144 45.40 5.20 -7.13
CA LEU B 144 45.40 4.11 -6.14
C LEU B 144 44.17 3.20 -6.39
N ARG B 145 43.66 3.32 -7.61
CA ARG B 145 42.51 2.54 -8.05
C ARG B 145 42.81 1.06 -8.23
N SER B 146 41.76 0.24 -8.07
CA SER B 146 41.87 -1.18 -8.28
C SER B 146 42.88 -1.90 -7.38
N LYS B 147 43.00 -1.45 -6.13
CA LYS B 147 43.94 -1.96 -5.11
C LYS B 147 43.18 -2.51 -3.95
N ARG B 148 41.86 -2.71 -4.13
CA ARG B 148 41.04 -3.23 -3.02
C ARG B 148 41.03 -2.35 -1.78
N LEU B 149 41.23 -1.03 -1.95
CA LEU B 149 41.02 -0.14 -0.84
C LEU B 149 39.56 0.11 -0.46
N ALA B 150 38.68 0.17 -1.46
CA ALA B 150 37.25 0.50 -1.26
C ALA B 150 36.57 -0.53 -0.31
N PRO B 151 36.91 -1.81 -0.45
CA PRO B 151 36.27 -2.75 0.54
C PRO B 151 36.75 -2.48 1.98
N VAL B 152 37.96 -1.96 2.13
CA VAL B 152 38.41 -1.65 3.49
C VAL B 152 37.64 -0.42 4.06
N LEU B 153 37.40 0.58 3.21
CA LEU B 153 36.67 1.75 3.65
C LEU B 153 35.26 1.32 4.01
N ILE B 154 34.69 0.43 3.23
CA ILE B 154 33.31 0.02 3.45
C ILE B 154 33.22 -0.80 4.74
N LYS B 155 34.14 -1.76 4.91
CA LYS B 155 34.17 -2.58 6.13
C LYS B 155 34.35 -1.71 7.38
N GLU B 156 35.19 -0.71 7.28
CA GLU B 156 35.48 0.08 8.45
C GLU B 156 34.32 0.98 8.79
N ILE B 157 33.60 1.55 7.78
CA ILE B 157 32.46 2.35 8.17
C ILE B 157 31.32 1.52 8.72
N THR B 158 31.28 0.28 8.21
CA THR B 158 30.22 -0.65 8.64
C THR B 158 30.43 -0.90 10.14
N ARG B 159 31.68 -1.17 10.50
CA ARG B 159 32.02 -1.45 11.88
C ARG B 159 31.60 -0.27 12.78
N ARG B 160 31.93 0.97 12.35
CA ARG B 160 31.64 2.13 13.17
C ARG B 160 30.17 2.45 13.27
N ILE B 161 29.41 2.09 12.23
CA ILE B 161 27.94 2.23 12.25
C ILE B 161 27.34 1.18 13.18
N ASN B 162 27.88 -0.02 13.11
CA ASN B 162 27.42 -1.11 13.97
C ASN B 162 27.63 -0.78 15.47
N LEU B 163 28.64 0.01 15.76
CA LEU B 163 28.94 0.49 17.15
C LEU B 163 27.90 1.48 17.69
N GLU B 164 26.98 1.91 16.82
CA GLU B 164 25.89 2.79 17.16
C GLU B 164 24.62 1.95 17.16
N ASN B 165 24.77 0.63 17.14
CA ASN B 165 23.61 -0.25 17.19
C ASN B 165 22.72 -0.02 15.96
N ILE B 166 23.36 0.24 14.82
CA ILE B 166 22.68 0.44 13.56
C ILE B 166 23.24 -0.59 12.59
N TRP B 167 22.32 -1.35 11.98
CA TRP B 167 22.66 -2.58 11.23
C TRP B 167 22.18 -2.58 9.79
N GLN B 168 21.55 -1.49 9.37
CA GLN B 168 21.22 -1.37 7.97
C GLN B 168 21.75 -0.04 7.38
N ALA B 169 21.90 0.07 6.05
CA ALA B 169 22.23 1.31 5.41
C ALA B 169 21.53 1.45 4.06
N ILE B 170 21.51 2.68 3.54
CA ILE B 170 20.98 3.00 2.25
C ILE B 170 22.13 3.73 1.53
N TYR B 171 22.25 3.53 0.22
CA TYR B 171 23.34 4.12 -0.57
C TYR B 171 22.86 3.97 -2.04
N THR B 172 23.43 4.85 -2.84
CA THR B 172 23.22 4.78 -4.29
C THR B 172 24.49 4.71 -5.02
N ALA B 173 24.34 4.27 -6.26
CA ALA B 173 25.52 4.23 -7.09
C ALA B 173 25.11 4.22 -8.55
N GLY B 174 25.95 4.74 -9.44
CA GLY B 174 25.70 4.56 -10.87
C GLY B 174 26.11 3.22 -11.41
N VAL B 175 26.88 2.47 -10.64
CA VAL B 175 27.33 1.16 -11.08
C VAL B 175 26.37 0.13 -10.48
N TYR B 176 26.24 -0.96 -11.22
CA TYR B 176 25.49 -2.10 -10.81
C TYR B 176 26.26 -2.97 -9.79
N LEU B 177 25.59 -3.23 -8.66
CA LEU B 177 26.14 -4.03 -7.56
C LEU B 177 25.01 -4.92 -7.05
N PRO B 178 25.34 -5.96 -6.28
CA PRO B 178 24.33 -6.80 -5.71
C PRO B 178 23.64 -6.03 -4.58
N LYS B 179 22.34 -5.71 -4.70
CA LYS B 179 21.44 -5.85 -5.88
C LYS B 179 20.41 -4.70 -5.67
N PRO B 180 20.05 -3.95 -6.73
CA PRO B 180 19.35 -2.69 -6.47
C PRO B 180 17.93 -3.01 -5.97
N VAL B 181 17.37 -2.21 -5.06
CA VAL B 181 15.92 -2.33 -4.75
C VAL B 181 15.08 -1.50 -5.76
N SER B 182 15.73 -0.54 -6.37
CA SER B 182 15.18 0.25 -7.49
C SER B 182 16.28 0.88 -8.33
N ASP B 183 15.91 1.36 -9.52
CA ASP B 183 16.91 1.91 -10.48
C ASP B 183 16.22 3.08 -11.23
N ALA B 184 16.83 4.26 -11.22
CA ALA B 184 16.19 5.48 -11.76
C ALA B 184 17.14 6.19 -12.68
N ARG B 185 16.70 6.42 -13.91
CA ARG B 185 17.43 7.16 -14.88
C ARG B 185 17.44 8.66 -14.55
N TYR B 186 18.56 9.32 -14.88
N TYR B 186 18.55 9.34 -14.82
CA TYR B 186 18.66 10.80 -14.88
CA TYR B 186 18.57 10.82 -14.80
CA TYR B 186 18.86 10.81 -14.73
C TYR B 186 18.06 11.38 -16.15
C TYR B 186 18.05 11.38 -16.11
N TYR B 187 17.43 12.54 -15.98
CA TYR B 187 16.91 13.32 -17.11
C TYR B 187 17.39 14.74 -16.86
N HIS B 188 17.54 15.55 -17.92
CA HIS B 188 18.17 16.88 -17.81
CA HIS B 188 18.11 16.90 -17.75
C HIS B 188 17.31 17.83 -18.58
N ARG B 189 17.05 19.01 -18.04
CA ARG B 189 16.29 20.02 -18.75
C ARG B 189 17.25 21.18 -19.04
N SER B 190 17.57 21.45 -20.32
CA SER B 190 18.51 22.52 -20.71
CA SER B 190 18.54 22.49 -20.67
C SER B 190 17.96 23.89 -20.29
N ILE B 191 18.80 24.75 -19.73
CA ILE B 191 18.42 26.11 -19.44
C ILE B 191 19.34 27.02 -20.30
N ASN B 192 20.65 26.85 -20.16
CA ASN B 192 21.60 27.65 -20.95
CA ASN B 192 21.66 27.59 -20.90
C ASN B 192 22.08 26.80 -22.11
N VAL B 193 21.32 26.93 -23.20
CA VAL B 193 21.29 25.92 -24.26
C VAL B 193 22.63 25.98 -24.99
N LYS B 194 23.04 27.21 -25.30
CA LYS B 194 24.27 27.38 -26.06
C LYS B 194 25.48 26.75 -25.35
N LYS B 195 25.55 27.01 -24.06
CA LYS B 195 26.64 26.49 -23.25
C LYS B 195 26.66 24.98 -23.26
N LEU B 196 25.52 24.37 -22.99
CA LEU B 196 25.45 22.90 -22.94
C LEU B 196 25.87 22.23 -24.28
N ILE B 197 25.53 22.91 -25.39
CA ILE B 197 26.06 22.47 -26.71
C ILE B 197 27.56 22.61 -26.84
N GLU B 198 28.08 23.78 -26.49
CA GLU B 198 29.50 24.04 -26.73
C GLU B 198 30.35 23.06 -25.89
N ILE B 199 29.85 22.66 -24.71
CA ILE B 199 30.65 21.78 -23.78
C ILE B 199 30.40 20.30 -24.05
N GLY B 200 29.47 20.00 -24.93
CA GLY B 200 29.17 18.63 -25.31
C GLY B 200 28.23 17.89 -24.35
N PHE B 201 27.46 18.62 -23.54
CA PHE B 201 26.51 18.04 -22.61
C PHE B 201 25.25 17.69 -23.36
N SER B 202 24.87 18.56 -24.32
CA SER B 202 23.74 18.35 -25.25
C SER B 202 24.18 18.41 -26.69
N SER B 203 23.23 18.05 -27.58
CA SER B 203 23.37 17.91 -29.04
C SER B 203 22.47 18.82 -29.86
N LEU B 204 22.97 19.27 -31.02
CA LEU B 204 22.14 19.80 -32.13
C LEU B 204 22.05 18.73 -33.25
N ASN B 205 21.04 18.82 -34.13
N ASN B 205 21.06 18.87 -34.14
CA ASN B 205 21.01 18.01 -35.36
CA ASN B 205 20.88 18.02 -35.33
C ASN B 205 20.61 18.90 -36.54
C ASN B 205 20.63 18.91 -36.55
N SER B 206 20.50 18.34 -37.74
CA SER B 206 20.14 19.19 -38.92
C SER B 206 18.72 19.78 -38.84
N ARG B 207 17.85 19.14 -38.03
CA ARG B 207 16.53 19.67 -37.67
C ARG B 207 16.66 20.78 -36.63
N LEU B 208 17.48 20.50 -35.60
CA LEU B 208 17.72 21.47 -34.56
C LEU B 208 18.93 22.34 -34.88
N THR B 209 18.69 23.53 -35.39
CA THR B 209 19.79 24.52 -35.51
C THR B 209 20.00 25.15 -34.13
N MET B 210 21.09 25.90 -33.98
CA MET B 210 21.36 26.53 -32.71
C MET B 210 20.20 27.48 -32.31
N SER B 211 19.76 28.31 -33.26
CA SER B 211 18.75 29.28 -32.93
C SER B 211 17.44 28.55 -32.57
N ARG B 212 17.18 27.43 -33.23
CA ARG B 212 15.94 26.68 -32.96
C ARG B 212 16.01 25.99 -31.60
N ALA B 213 17.18 25.47 -31.26
CA ALA B 213 17.41 24.91 -29.94
C ALA B 213 17.19 25.94 -28.84
N ILE B 214 17.74 27.13 -29.06
CA ILE B 214 17.55 28.21 -28.09
C ILE B 214 16.10 28.53 -27.92
N LYS B 215 15.37 28.57 -29.02
CA LYS B 215 13.92 28.85 -28.88
C LYS B 215 13.14 27.72 -28.23
N LEU B 216 13.58 26.51 -28.53
CA LEU B 216 12.88 25.36 -27.97
C LEU B 216 12.92 25.41 -26.43
N TYR B 217 14.04 25.79 -25.86
CA TYR B 217 14.20 25.68 -24.40
C TYR B 217 13.95 27.00 -23.65
N ARG B 218 13.43 28.01 -24.36
CA ARG B 218 13.14 29.33 -23.77
C ARG B 218 12.01 29.20 -22.81
N VAL B 219 12.11 29.94 -21.72
CA VAL B 219 11.10 29.90 -20.69
C VAL B 219 10.56 31.29 -20.37
N GLU B 220 9.29 31.35 -20.01
CA GLU B 220 8.68 32.62 -19.69
C GLU B 220 9.03 32.88 -18.24
N ASP B 221 9.56 34.09 -17.95
CA ASP B 221 10.00 34.48 -16.59
C ASP B 221 8.87 34.87 -15.64
N THR B 222 7.80 34.07 -15.66
CA THR B 222 6.66 34.31 -14.79
C THR B 222 6.24 33.01 -14.10
N LEU B 223 6.25 33.00 -12.77
CA LEU B 223 5.79 31.81 -12.03
C LEU B 223 4.32 31.40 -12.20
N ASN B 224 4.11 30.12 -12.33
CA ASN B 224 2.71 29.56 -12.24
C ASN B 224 2.07 29.78 -10.87
N ILE B 225 2.85 29.52 -9.82
CA ILE B 225 2.44 29.80 -8.42
C ILE B 225 3.13 31.12 -8.02
N LYS B 226 2.36 32.22 -8.12
CA LYS B 226 2.96 33.56 -8.07
C LYS B 226 3.65 33.88 -6.73
N ASN B 227 3.16 33.30 -5.63
CA ASN B 227 3.73 33.63 -4.31
C ASN B 227 4.90 32.72 -3.84
N MET B 228 5.39 31.81 -4.71
CA MET B 228 6.56 30.94 -4.38
CA MET B 228 6.52 30.96 -4.35
C MET B 228 7.67 31.82 -3.88
N ARG B 229 8.17 31.55 -2.66
CA ARG B 229 9.19 32.45 -2.06
C ARG B 229 10.20 31.61 -1.24
N LEU B 230 11.39 32.12 -1.02
CA LEU B 230 12.33 31.32 -0.23
C LEU B 230 11.75 30.90 1.11
N MET B 231 12.06 29.68 1.52
CA MET B 231 11.66 29.21 2.82
C MET B 231 12.32 29.99 3.93
N LYS B 232 11.59 30.24 5.02
CA LYS B 232 12.20 30.84 6.22
C LYS B 232 12.02 29.94 7.40
N LYS B 233 12.72 30.19 8.50
CA LYS B 233 12.51 29.36 9.69
C LYS B 233 11.04 29.15 10.11
N LYS B 234 10.22 30.22 9.99
CA LYS B 234 8.82 30.11 10.39
C LYS B 234 8.04 29.05 9.67
N ASP B 235 8.56 28.63 8.50
CA ASP B 235 7.89 27.70 7.62
C ASP B 235 8.28 26.26 7.92
N VAL B 236 9.24 26.04 8.80
CA VAL B 236 9.70 24.65 9.07
C VAL B 236 8.55 23.72 9.43
N GLU B 237 7.72 24.13 10.36
CA GLU B 237 6.59 23.25 10.66
C GLU B 237 5.63 22.94 9.48
N GLY B 238 5.24 23.97 8.72
CA GLY B 238 4.45 23.75 7.53
C GLY B 238 5.06 22.81 6.50
N VAL B 239 6.33 23.04 6.23
CA VAL B 239 7.06 22.11 5.33
C VAL B 239 7.08 20.66 5.91
N HIS B 240 7.37 20.55 7.19
CA HIS B 240 7.35 19.22 7.85
C HIS B 240 6.04 18.49 7.62
N LYS B 241 4.88 19.18 7.77
CA LYS B 241 3.57 18.51 7.60
CA LYS B 241 3.58 18.49 7.59
C LYS B 241 3.33 18.15 6.13
N LEU B 242 3.62 19.14 5.25
CA LEU B 242 3.35 18.96 3.82
C LEU B 242 4.18 17.77 3.29
N LEU B 243 5.48 17.84 3.52
CA LEU B 243 6.37 16.83 2.95
C LEU B 243 6.21 15.53 3.66
N GLY B 244 5.99 15.56 4.98
CA GLY B 244 5.85 14.32 5.69
C GLY B 244 4.63 13.51 5.28
N SER B 245 3.51 14.19 4.98
N SER B 245 3.51 14.20 5.01
CA SER B 245 2.29 13.47 4.58
CA SER B 245 2.30 13.50 4.59
C SER B 245 2.34 13.03 3.15
C SER B 245 2.56 12.93 3.24
N TYR B 246 3.08 13.79 2.33
CA TYR B 246 3.31 13.42 0.95
C TYR B 246 4.22 12.19 0.78
N LEU B 247 5.27 12.12 1.58
CA LEU B 247 6.19 11.03 1.40
C LEU B 247 5.61 9.63 1.79
N GLU B 248 4.60 9.61 2.63
CA GLU B 248 4.04 8.30 3.13
C GLU B 248 3.50 7.34 2.08
N GLN B 249 3.20 7.89 0.92
CA GLN B 249 2.74 7.10 -0.18
C GLN B 249 3.88 6.27 -0.80
N PHE B 250 5.12 6.55 -0.50
CA PHE B 250 6.14 5.82 -1.21
C PHE B 250 6.64 4.60 -0.49
N ASN B 251 7.32 3.75 -1.23
N ASN B 251 7.27 3.73 -1.27
CA ASN B 251 7.84 2.51 -0.68
CA ASN B 251 7.84 2.45 -0.80
C ASN B 251 9.17 2.70 0.03
C ASN B 251 9.20 2.63 -0.09
N LEU B 252 9.84 3.80 -0.22
CA LEU B 252 11.21 3.98 0.35
C LEU B 252 11.30 5.46 0.56
N TYR B 253 11.39 5.91 1.81
CA TYR B 253 11.60 7.40 2.07
C TYR B 253 12.15 7.64 3.44
N ALA B 254 12.82 8.79 3.64
CA ALA B 254 13.28 9.27 4.98
C ALA B 254 12.10 9.77 5.76
N VAL B 255 12.04 9.44 7.06
CA VAL B 255 11.01 10.01 7.95
C VAL B 255 11.76 11.18 8.68
N PHE B 256 11.55 12.41 8.20
CA PHE B 256 12.19 13.61 8.74
C PHE B 256 11.54 14.08 10.02
N THR B 257 12.37 14.42 10.95
CA THR B 257 11.91 15.10 12.13
C THR B 257 11.83 16.59 11.76
N LYS B 258 11.26 17.38 12.65
CA LYS B 258 11.22 18.80 12.43
CA LYS B 258 11.24 18.81 12.48
C LYS B 258 12.66 19.38 12.35
N GLU B 259 13.58 18.90 13.19
N GLU B 259 13.60 18.91 13.18
CA GLU B 259 14.97 19.29 13.13
CA GLU B 259 15.02 19.29 13.09
CA GLU B 259 14.98 19.45 14.63
C GLU B 259 15.64 18.98 11.78
C GLU B 259 15.62 19.00 11.74
N GLU B 260 15.31 17.82 11.19
CA GLU B 260 15.87 17.41 9.93
C GLU B 260 15.27 18.26 8.80
N ILE B 261 13.99 18.64 8.90
CA ILE B 261 13.33 19.49 7.89
C ILE B 261 14.08 20.81 7.91
N ALA B 262 14.31 21.33 9.09
CA ALA B 262 15.14 22.57 9.21
C ALA B 262 16.52 22.53 8.57
N HIS B 263 17.23 21.41 8.84
CA HIS B 263 18.58 21.29 8.32
C HIS B 263 18.62 21.06 6.79
N TRP B 264 17.75 20.22 6.28
CA TRP B 264 17.79 19.82 4.88
C TRP B 264 17.14 20.79 3.90
N PHE B 265 16.36 21.72 4.42
CA PHE B 265 15.56 22.62 3.51
C PHE B 265 15.86 24.09 3.69
N LEU B 266 16.30 24.54 4.88
CA LEU B 266 16.45 26.00 4.98
C LEU B 266 17.60 26.49 4.03
N PRO B 267 17.35 27.52 3.20
CA PRO B 267 18.25 27.86 2.10
C PRO B 267 19.62 28.24 2.49
N ILE B 268 20.58 27.74 1.71
CA ILE B 268 21.96 28.19 1.83
C ILE B 268 22.40 28.42 0.42
N GLU B 269 22.82 29.66 0.17
CA GLU B 269 23.28 30.07 -1.16
CA GLU B 269 23.20 29.99 -1.19
C GLU B 269 24.29 29.07 -1.70
N ASN B 270 24.11 28.69 -2.98
CA ASN B 270 25.03 27.82 -3.65
C ASN B 270 25.06 26.42 -3.08
N VAL B 271 24.05 26.07 -2.27
CA VAL B 271 23.96 24.74 -1.70
C VAL B 271 22.55 24.11 -1.87
N ILE B 272 21.58 24.73 -1.20
CA ILE B 272 20.21 24.18 -1.13
C ILE B 272 19.25 25.36 -1.29
N TYR B 273 18.26 25.17 -2.17
CA TYR B 273 17.19 26.18 -2.47
C TYR B 273 15.82 25.54 -2.18
N THR B 274 15.02 26.16 -1.30
CA THR B 274 13.66 25.66 -0.99
C THR B 274 12.77 26.86 -1.09
N TYR B 275 11.73 26.71 -1.89
CA TYR B 275 10.76 27.79 -2.06
C TYR B 275 9.40 27.19 -1.65
N VAL B 276 8.60 28.02 -1.00
CA VAL B 276 7.28 27.58 -0.50
C VAL B 276 6.16 28.56 -0.95
N ASN B 277 4.94 28.01 -1.03
CA ASN B 277 3.71 28.80 -1.25
C ASN B 277 2.91 28.75 0.03
N GLU B 278 2.69 29.88 0.66
CA GLU B 278 1.88 29.95 1.89
C GLU B 278 0.55 30.57 1.56
N GLU B 279 -0.54 29.87 1.82
CA GLU B 279 -1.89 30.38 1.48
C GLU B 279 -2.75 30.11 2.71
N ASN B 280 -3.48 31.13 3.15
CA ASN B 280 -4.39 30.98 4.30
C ASN B 280 -3.70 30.39 5.56
N GLY B 281 -2.50 30.88 5.89
CA GLY B 281 -1.67 30.35 6.98
C GLY B 281 -1.02 28.96 6.88
N LYS B 282 -1.00 28.42 5.69
CA LYS B 282 -0.54 27.04 5.54
C LYS B 282 0.48 27.01 4.41
N ILE B 283 1.51 26.19 4.54
CA ILE B 283 2.40 25.89 3.40
C ILE B 283 1.68 24.85 2.56
N LYS B 284 1.31 25.23 1.33
CA LYS B 284 0.54 24.36 0.43
C LYS B 284 1.36 23.78 -0.74
N ASP B 285 2.53 24.35 -1.00
CA ASP B 285 3.36 23.92 -2.11
C ASP B 285 4.81 24.19 -1.75
N MET B 286 5.68 23.30 -2.26
CA MET B 286 7.12 23.50 -2.06
C MET B 286 7.93 23.04 -3.27
N ILE B 287 9.08 23.69 -3.46
CA ILE B 287 10.00 23.34 -4.52
C ILE B 287 11.35 23.34 -3.87
N SER B 288 12.14 22.24 -4.05
CA SER B 288 13.57 22.34 -3.61
C SER B 288 14.53 21.70 -4.61
N PHE B 289 15.74 22.28 -4.69
CA PHE B 289 16.76 21.71 -5.52
C PHE B 289 18.11 22.10 -4.92
N TYR B 290 19.08 21.22 -5.13
CA TYR B 290 20.45 21.48 -4.62
C TYR B 290 21.44 21.78 -5.74
N SER B 291 22.49 22.49 -5.39
CA SER B 291 23.55 22.91 -6.30
C SER B 291 24.67 21.83 -6.37
N LEU B 292 24.87 21.23 -7.53
CA LEU B 292 26.01 20.35 -7.74
C LEU B 292 26.69 20.65 -9.08
N PRO B 293 27.74 21.53 -9.04
CA PRO B 293 28.43 21.81 -10.27
C PRO B 293 29.32 20.65 -10.69
N SER B 294 29.64 20.64 -11.99
CA SER B 294 30.70 19.74 -12.48
C SER B 294 31.84 20.58 -13.05
N GLN B 295 33.01 20.14 -12.73
CA GLN B 295 34.20 20.74 -13.33
C GLN B 295 34.19 20.24 -14.79
N ILE B 296 34.49 21.15 -15.73
CA ILE B 296 34.57 20.78 -17.13
C ILE B 296 36.01 20.53 -17.50
N LEU B 297 36.31 19.31 -17.95
CA LEU B 297 37.72 18.93 -18.19
C LEU B 297 38.19 19.30 -19.59
N GLY B 298 39.26 20.08 -19.68
CA GLY B 298 39.93 20.35 -20.98
C GLY B 298 39.08 21.16 -21.94
N ASN B 299 38.55 22.29 -21.47
CA ASN B 299 37.78 23.19 -22.34
C ASN B 299 38.26 24.60 -22.14
N ASP B 300 38.73 25.25 -23.21
CA ASP B 300 39.39 26.56 -23.07
C ASP B 300 38.46 27.63 -22.55
N LYS B 301 37.17 27.42 -22.79
CA LYS B 301 36.19 28.45 -22.62
C LYS B 301 35.46 28.37 -21.31
N TYR B 302 35.06 27.17 -20.94
CA TYR B 302 34.28 27.02 -19.72
C TYR B 302 34.99 26.09 -18.77
N SER B 303 34.96 26.40 -17.49
CA SER B 303 35.50 25.46 -16.53
C SER B 303 34.43 24.77 -15.65
N THR B 304 33.25 25.35 -15.60
CA THR B 304 32.23 24.87 -14.73
C THR B 304 30.89 24.75 -15.36
N LEU B 305 30.22 23.68 -15.03
CA LEU B 305 28.83 23.51 -15.37
C LEU B 305 28.04 23.73 -14.09
N ASN B 306 27.11 24.67 -14.06
CA ASN B 306 26.33 24.89 -12.84
C ASN B 306 25.05 24.16 -13.03
N ALA B 307 24.77 23.17 -12.18
CA ALA B 307 23.59 22.31 -12.37
C ALA B 307 22.82 22.29 -11.08
N ALA B 308 21.51 22.39 -11.20
CA ALA B 308 20.56 22.25 -10.11
C ALA B 308 19.99 20.85 -10.17
N TYR B 309 19.92 20.21 -9.00
CA TYR B 309 19.29 18.89 -8.93
C TYR B 309 18.03 18.93 -8.15
N SER B 310 16.94 18.38 -8.72
CA SER B 310 15.66 18.28 -8.06
C SER B 310 15.77 17.49 -6.79
N PHE B 311 15.10 17.94 -5.74
CA PHE B 311 15.25 17.34 -4.45
C PHE B 311 13.85 16.87 -4.02
N TYR B 312 13.11 17.70 -3.32
CA TYR B 312 11.69 17.36 -3.02
C TYR B 312 10.72 18.47 -3.49
N ASN B 313 9.71 18.06 -4.22
CA ASN B 313 8.71 19.02 -4.75
C ASN B 313 7.29 18.50 -4.44
N VAL B 314 6.42 19.36 -3.91
CA VAL B 314 5.05 18.86 -3.61
C VAL B 314 4.12 19.98 -4.04
N THR B 315 2.96 19.61 -4.62
CA THR B 315 1.99 20.66 -4.92
C THR B 315 0.61 20.21 -4.49
N THR B 316 -0.17 21.14 -3.90
CA THR B 316 -1.59 20.95 -3.59
C THR B 316 -2.50 22.02 -4.23
N THR B 317 -1.93 23.04 -4.82
CA THR B 317 -2.73 24.08 -5.48
C THR B 317 -2.47 24.23 -7.00
N ALA B 318 -1.67 23.37 -7.58
CA ALA B 318 -1.32 23.45 -9.01
C ALA B 318 -1.17 22.01 -9.49
N THR B 319 -0.98 21.81 -10.78
CA THR B 319 -0.64 20.47 -11.26
C THR B 319 0.84 20.23 -10.97
N PHE B 320 1.24 18.95 -10.91
CA PHE B 320 2.67 18.69 -10.73
C PHE B 320 3.47 19.26 -11.90
N LYS B 321 2.96 19.22 -13.15
CA LYS B 321 3.70 19.83 -14.24
CA LYS B 321 3.67 19.86 -14.29
C LYS B 321 3.89 21.35 -14.02
N GLN B 322 2.86 22.06 -13.57
CA GLN B 322 3.06 23.52 -13.29
C GLN B 322 4.09 23.81 -12.22
N LEU B 323 4.09 22.96 -11.22
CA LEU B 323 5.10 22.98 -10.21
C LEU B 323 6.55 22.82 -10.66
N MET B 324 6.80 21.81 -11.48
CA MET B 324 8.15 21.58 -11.96
C MET B 324 8.57 22.62 -12.98
N GLN B 325 7.57 23.17 -13.72
CA GLN B 325 7.87 24.26 -14.59
C GLN B 325 8.35 25.43 -13.73
N ASP B 326 7.71 25.65 -12.59
CA ASP B 326 8.22 26.70 -11.67
C ASP B 326 9.58 26.40 -11.09
N ALA B 327 9.87 25.11 -10.84
CA ALA B 327 11.20 24.68 -10.39
C ALA B 327 12.28 25.06 -11.40
N ILE B 328 11.99 24.78 -12.70
CA ILE B 328 12.95 25.10 -13.77
C ILE B 328 13.23 26.62 -13.81
N LEU B 329 12.16 27.41 -13.69
CA LEU B 329 12.29 28.86 -13.73
C LEU B 329 13.13 29.33 -12.52
N LEU B 330 12.82 28.79 -11.32
CA LEU B 330 13.53 29.22 -10.14
C LEU B 330 15.01 28.83 -10.30
N ALA B 331 15.25 27.66 -10.89
CA ALA B 331 16.69 27.34 -11.19
C ALA B 331 17.33 28.34 -12.13
N LYS B 332 16.62 28.72 -13.19
CA LYS B 332 17.12 29.68 -14.15
CA LYS B 332 17.12 29.68 -14.15
C LYS B 332 17.49 31.02 -13.49
N ARG B 333 16.56 31.49 -12.67
CA ARG B 333 16.69 32.76 -11.97
C ARG B 333 17.91 32.75 -11.04
N ASN B 334 18.34 31.53 -10.62
CA ASN B 334 19.50 31.40 -9.72
C ASN B 334 20.79 30.98 -10.48
N ASN B 335 20.79 31.20 -11.78
CA ASN B 335 21.96 31.12 -12.64
C ASN B 335 22.40 29.70 -12.96
N PHE B 336 21.48 28.74 -12.82
CA PHE B 336 21.82 27.33 -13.18
C PHE B 336 21.71 27.11 -14.70
N ASP B 337 22.67 26.29 -15.23
CA ASP B 337 22.75 26.00 -16.66
C ASP B 337 21.82 24.84 -17.06
N VAL B 338 21.54 23.98 -16.11
CA VAL B 338 20.71 22.80 -16.44
C VAL B 338 20.00 22.44 -15.18
N PHE B 339 18.82 21.81 -15.32
CA PHE B 339 18.07 21.30 -14.17
C PHE B 339 17.94 19.78 -14.32
N ASN B 340 18.50 19.09 -13.34
CA ASN B 340 18.56 17.60 -13.38
C ASN B 340 17.54 16.97 -12.47
N ALA B 341 16.93 15.88 -12.92
CA ALA B 341 16.00 15.10 -12.09
C ALA B 341 16.14 13.58 -12.34
N LEU B 342 15.73 12.81 -11.33
CA LEU B 342 15.65 11.32 -11.47
C LEU B 342 14.20 11.01 -11.72
N GLU B 343 13.91 9.88 -12.35
CA GLU B 343 12.52 9.40 -12.54
C GLU B 343 11.98 8.71 -11.27
N VAL B 344 12.03 9.46 -10.14
CA VAL B 344 11.46 9.06 -8.85
C VAL B 344 10.30 9.95 -8.54
N MET B 345 9.49 9.50 -7.54
CA MET B 345 8.26 10.16 -7.14
C MET B 345 7.34 10.40 -8.37
N GLN B 346 6.86 11.65 -8.58
CA GLN B 346 6.01 11.89 -9.76
C GLN B 346 6.78 12.45 -10.95
N ASN B 347 8.11 12.45 -10.88
CA ASN B 347 8.88 13.21 -11.85
C ASN B 347 8.72 12.74 -13.29
N LYS B 348 8.63 11.44 -13.54
CA LYS B 348 8.77 10.98 -14.93
C LYS B 348 7.58 11.57 -15.70
N SER B 349 6.49 11.89 -15.00
CA SER B 349 5.20 12.26 -15.62
C SER B 349 5.32 13.60 -16.28
N VAL B 350 6.41 14.36 -16.04
CA VAL B 350 6.48 15.70 -16.62
C VAL B 350 7.67 15.84 -17.54
N PHE B 351 8.47 14.80 -17.65
CA PHE B 351 9.71 14.93 -18.42
C PHE B 351 9.46 15.32 -19.92
N GLU B 352 8.51 14.62 -20.53
CA GLU B 352 8.19 14.87 -21.92
C GLU B 352 7.62 16.26 -22.14
N ASP B 353 6.54 16.62 -21.40
CA ASP B 353 5.90 17.93 -21.64
C ASP B 353 6.88 19.11 -21.29
N LEU B 354 7.72 18.90 -20.28
CA LEU B 354 8.65 19.92 -19.92
C LEU B 354 9.96 19.89 -20.65
N LYS B 355 10.07 19.06 -21.70
CA LYS B 355 11.26 19.09 -22.58
C LYS B 355 12.53 18.62 -21.88
N PHE B 356 12.41 17.68 -20.94
CA PHE B 356 13.60 16.98 -20.42
C PHE B 356 14.19 16.00 -21.47
N GLY B 357 15.50 15.84 -21.50
CA GLY B 357 16.10 14.77 -22.28
C GLY B 357 16.60 13.66 -21.39
N GLU B 358 16.63 12.44 -21.91
CA GLU B 358 17.05 11.26 -21.11
C GLU B 358 18.54 11.33 -21.04
N GLY B 359 19.10 11.14 -19.85
CA GLY B 359 20.55 11.18 -19.68
C GLY B 359 21.18 9.84 -20.02
N ASP B 360 22.44 9.69 -19.64
CA ASP B 360 23.17 8.49 -19.97
C ASP B 360 23.19 7.41 -18.93
N GLY B 361 23.42 7.71 -17.68
CA GLY B 361 23.47 6.52 -16.80
C GLY B 361 22.09 6.01 -16.33
N SER B 362 22.11 5.32 -15.20
CA SER B 362 20.99 5.39 -14.29
C SER B 362 21.55 5.31 -12.85
N LEU B 363 20.77 5.75 -11.86
CA LEU B 363 21.12 5.66 -10.43
C LEU B 363 20.38 4.47 -9.73
N LYS B 364 21.17 3.54 -9.16
CA LYS B 364 20.67 2.38 -8.47
C LYS B 364 20.58 2.72 -7.00
N TYR B 365 19.46 2.36 -6.37
CA TYR B 365 19.31 2.46 -4.92
C TYR B 365 19.57 1.13 -4.30
N TYR B 366 20.27 1.13 -3.18
CA TYR B 366 20.62 -0.10 -2.47
C TYR B 366 20.32 -0.03 -1.00
N LEU B 367 19.98 -1.18 -0.41
CA LEU B 367 19.98 -1.34 1.04
C LEU B 367 21.01 -2.39 1.46
N TYR B 368 21.64 -2.10 2.61
CA TYR B 368 22.56 -3.07 3.18
C TYR B 368 21.88 -3.79 4.30
N ASN B 369 22.07 -5.09 4.30
CA ASN B 369 21.42 -5.99 5.31
C ASN B 369 19.88 -5.90 5.39
N TRP B 370 19.28 -5.90 4.24
CA TRP B 370 17.80 -5.83 4.12
C TRP B 370 17.34 -6.59 2.92
N LYS B 371 16.39 -7.45 3.17
CA LYS B 371 15.74 -8.20 2.09
CA LYS B 371 15.76 -8.27 2.16
C LYS B 371 14.31 -7.76 1.95
N CYS B 372 13.96 -7.44 0.70
CA CYS B 372 12.60 -6.93 0.38
C CYS B 372 12.45 -7.03 -1.15
N ALA B 373 11.18 -6.91 -1.59
CA ALA B 373 10.81 -6.83 -3.01
C ALA B 373 11.41 -5.54 -3.64
N SER B 374 11.89 -5.69 -4.85
CA SER B 374 12.25 -4.50 -5.63
C SER B 374 10.97 -3.86 -6.26
N PHE B 375 11.18 -2.64 -6.73
CA PHE B 375 10.11 -1.76 -7.20
C PHE B 375 10.54 -0.73 -8.21
N ALA B 376 9.53 -0.18 -8.92
CA ALA B 376 9.75 0.76 -10.02
C ALA B 376 10.07 2.05 -9.37
N PRO B 377 10.89 2.90 -10.02
CA PRO B 377 11.41 4.07 -9.35
C PRO B 377 10.38 5.17 -8.97
N ALA B 378 9.18 5.07 -9.55
CA ALA B 378 8.10 6.01 -9.17
C ALA B 378 7.63 5.74 -7.70
N HIS B 379 7.90 4.56 -7.17
CA HIS B 379 7.70 4.21 -5.76
C HIS B 379 8.90 4.60 -4.88
N VAL B 380 10.00 5.13 -5.43
CA VAL B 380 11.07 5.67 -4.60
C VAL B 380 10.77 7.11 -4.19
N GLY B 381 10.87 7.41 -2.92
CA GLY B 381 10.53 8.74 -2.38
C GLY B 381 11.70 9.31 -1.60
N ILE B 382 12.89 9.00 -2.07
CA ILE B 382 13.99 9.62 -1.40
C ILE B 382 15.04 10.02 -2.39
N VAL B 383 15.70 11.16 -2.18
CA VAL B 383 16.82 11.55 -3.05
C VAL B 383 18.06 11.78 -2.23
N LEU B 384 19.11 10.98 -2.46
CA LEU B 384 20.44 11.20 -1.82
C LEU B 384 21.31 12.21 -2.52
N LEU B 385 22.30 12.73 -1.81
CA LEU B 385 23.05 13.85 -2.33
C LEU B 385 24.08 13.50 -3.37
N MET C 1 -35.05 -6.17 11.25
CA MET C 1 -33.93 -5.70 12.10
C MET C 1 -33.33 -4.40 11.55
N ASP C 2 -33.27 -3.32 12.33
CA ASP C 2 -32.57 -2.13 11.77
C ASP C 2 -31.44 -1.43 12.47
N TYR C 3 -31.30 -1.60 13.77
CA TYR C 3 -30.20 -0.91 14.53
C TYR C 3 -30.21 0.65 14.42
N LYS C 4 -31.23 1.24 15.01
CA LYS C 4 -31.44 2.69 14.83
C LYS C 4 -30.40 3.52 15.59
N PHE C 5 -29.88 3.03 16.73
CA PHE C 5 -28.76 3.78 17.34
C PHE C 5 -27.49 3.52 16.57
N TRP C 6 -27.18 2.22 16.34
CA TRP C 6 -25.91 1.87 15.66
C TRP C 6 -25.71 2.55 14.33
N TYR C 7 -26.83 2.72 13.60
CA TYR C 7 -26.88 3.43 12.29
CA TYR C 7 -26.68 3.35 12.31
C TYR C 7 -26.21 4.84 12.36
N THR C 8 -26.33 5.47 13.52
N THR C 8 -26.41 5.55 13.48
CA THR C 8 -25.96 6.85 13.71
CA THR C 8 -25.92 6.93 13.60
C THR C 8 -24.52 6.97 14.16
C THR C 8 -24.44 6.96 13.95
N GLN C 9 -23.91 5.82 14.38
CA GLN C 9 -22.53 5.71 14.89
C GLN C 9 -21.46 5.39 13.83
N PRO C 10 -20.21 5.80 14.08
CA PRO C 10 -19.16 5.39 13.11
C PRO C 10 -18.68 3.97 13.26
N VAL C 11 -19.57 3.07 12.89
CA VAL C 11 -19.26 1.65 12.82
C VAL C 11 -19.82 1.20 11.47
N PRO C 12 -19.61 -0.07 11.12
CA PRO C 12 -20.15 -0.57 9.82
C PRO C 12 -21.62 -0.82 9.85
N LYS C 13 -22.20 -0.61 8.68
CA LYS C 13 -23.55 -0.99 8.37
C LYS C 13 -23.52 -2.48 8.33
N ILE C 14 -24.67 -3.06 8.59
CA ILE C 14 -24.77 -4.50 8.74
CA ILE C 14 -24.71 -4.48 8.76
C ILE C 14 -24.25 -5.31 7.53
N ASN C 15 -24.40 -4.79 6.32
CA ASN C 15 -23.91 -5.57 5.19
C ASN C 15 -22.57 -5.15 4.67
N ASP C 16 -21.88 -4.24 5.38
CA ASP C 16 -20.63 -3.73 4.85
C ASP C 16 -19.57 -4.82 4.89
N GLU C 17 -18.75 -4.82 3.87
CA GLU C 17 -17.62 -5.73 3.76
CA GLU C 17 -17.63 -5.72 3.85
C GLU C 17 -16.49 -4.88 3.29
N PHE C 18 -15.35 -4.99 3.90
CA PHE C 18 -14.20 -4.12 3.51
C PHE C 18 -13.08 -4.92 2.97
N ASN C 19 -12.41 -4.41 1.94
CA ASN C 19 -11.25 -5.12 1.45
C ASN C 19 -10.04 -5.12 2.39
N GLU C 20 -9.18 -6.10 2.14
CA GLU C 20 -8.09 -6.39 3.04
CA GLU C 20 -8.04 -6.39 2.99
C GLU C 20 -7.18 -5.16 3.12
N SER C 21 -7.16 -4.37 2.04
CA SER C 21 -6.25 -3.19 1.97
C SER C 21 -6.81 -1.98 2.80
N VAL C 22 -8.03 -2.10 3.32
CA VAL C 22 -8.64 -0.99 4.09
C VAL C 22 -8.33 -1.13 5.58
N ASN C 23 -7.84 -0.07 6.25
CA ASN C 23 -7.49 -0.13 7.67
C ASN C 23 -7.28 1.27 8.15
N GLU C 24 -8.42 1.89 8.50
CA GLU C 24 -8.49 3.30 8.83
C GLU C 24 -9.72 3.64 9.64
N PRO C 25 -9.76 4.84 10.25
CA PRO C 25 -10.98 5.24 10.88
C PRO C 25 -12.14 5.53 9.91
N PHE C 26 -13.35 5.46 10.47
CA PHE C 26 -14.50 6.03 9.71
C PHE C 26 -14.38 7.56 9.69
N ILE C 27 -14.09 8.14 10.84
CA ILE C 27 -13.99 9.61 10.95
C ILE C 27 -12.60 9.99 11.50
N SER C 28 -11.84 10.77 10.75
CA SER C 28 -10.51 11.21 11.15
C SER C 28 -10.60 12.69 11.45
N ASP C 29 -9.46 13.32 11.75
CA ASP C 29 -9.36 14.76 12.06
C ASP C 29 -10.26 15.25 13.20
N ASN C 30 -10.48 14.38 14.19
CA ASN C 30 -11.24 14.75 15.36
C ASN C 30 -10.49 15.75 16.24
N LYS C 31 -11.22 16.65 16.90
CA LYS C 31 -10.63 17.63 17.83
C LYS C 31 -11.26 17.60 19.25
N VAL C 32 -10.38 17.47 20.26
CA VAL C 32 -10.79 17.53 21.68
C VAL C 32 -11.56 18.81 21.97
N GLU C 33 -11.09 19.93 21.39
CA GLU C 33 -11.75 21.22 21.48
C GLU C 33 -13.24 21.18 21.24
N ASP C 34 -13.67 20.44 20.22
CA ASP C 34 -15.06 20.43 19.74
C ASP C 34 -15.97 19.43 20.46
N VAL C 35 -15.38 18.62 21.38
CA VAL C 35 -16.14 17.54 22.05
C VAL C 35 -17.17 18.19 22.96
N ARG C 36 -18.38 17.61 23.02
CA ARG C 36 -19.37 18.07 23.97
C ARG C 36 -18.84 18.07 25.41
N LYS C 37 -19.05 19.19 26.09
CA LYS C 37 -18.59 19.31 27.45
C LYS C 37 -19.66 19.07 28.48
N ASP C 38 -20.89 18.81 28.03
CA ASP C 38 -22.05 18.52 28.83
C ASP C 38 -22.41 17.01 28.84
N GLU C 39 -22.68 16.49 30.03
CA GLU C 39 -23.17 15.10 30.18
C GLU C 39 -24.50 14.90 29.50
N TYR C 40 -24.64 13.76 28.83
CA TYR C 40 -25.89 13.36 28.19
C TYR C 40 -27.00 13.29 29.19
N LYS C 41 -28.16 13.62 28.71
CA LYS C 41 -29.32 13.83 29.53
C LYS C 41 -29.91 12.44 29.86
N LEU C 42 -30.22 12.29 31.15
CA LEU C 42 -30.92 11.10 31.64
C LEU C 42 -32.35 11.43 31.93
N PRO C 43 -33.25 10.43 32.04
CA PRO C 43 -34.67 10.63 32.41
C PRO C 43 -34.90 11.15 33.82
N PRO C 44 -36.06 11.80 34.09
CA PRO C 44 -36.26 12.42 35.37
C PRO C 44 -36.02 11.43 36.55
N GLY C 45 -35.22 11.88 37.50
CA GLY C 45 -34.99 11.03 38.67
C GLY C 45 -33.71 10.21 38.60
N TYR C 46 -33.01 10.26 37.47
CA TYR C 46 -31.78 9.49 37.28
C TYR C 46 -30.57 10.43 37.16
N SER C 47 -29.48 10.02 37.81
CA SER C 47 -28.26 10.87 37.85
C SER C 47 -27.00 10.12 37.53
N TRP C 48 -26.06 10.83 36.91
CA TRP C 48 -24.74 10.24 36.70
C TRP C 48 -24.02 10.18 38.01
N TYR C 49 -23.15 9.16 38.14
CA TYR C 49 -22.46 8.94 39.41
C TYR C 49 -21.02 8.62 39.12
N VAL C 50 -20.10 9.31 39.81
CA VAL C 50 -18.70 8.98 39.75
C VAL C 50 -18.37 7.77 40.63
N CYS C 51 -18.14 6.65 39.97
CA CYS C 51 -17.79 5.44 40.75
C CYS C 51 -16.31 5.44 41.03
N ASP C 52 -15.94 5.35 42.30
CA ASP C 52 -14.56 5.21 42.73
C ASP C 52 -14.32 3.74 43.05
N VAL C 53 -13.80 3.02 42.09
CA VAL C 53 -13.64 1.60 42.25
CA VAL C 53 -13.58 1.58 42.16
C VAL C 53 -12.62 1.24 43.34
N LYS C 54 -11.69 2.17 43.67
CA LYS C 54 -10.76 1.95 44.79
C LYS C 54 -11.46 2.06 46.13
N ASP C 55 -12.69 2.59 46.10
CA ASP C 55 -13.51 2.72 47.28
C ASP C 55 -14.40 1.51 47.53
N GLU C 56 -14.15 0.86 48.67
CA GLU C 56 -14.89 -0.38 49.03
C GLU C 56 -16.42 -0.23 48.86
N LYS C 57 -16.99 0.88 49.32
CA LYS C 57 -18.49 0.98 49.26
C LYS C 57 -18.98 1.08 47.80
N ASP C 58 -18.27 1.89 47.02
CA ASP C 58 -18.66 2.13 45.64
C ASP C 58 -18.44 0.80 44.86
N ARG C 59 -17.29 0.16 45.12
CA ARG C 59 -17.00 -1.08 44.43
C ARG C 59 -18.10 -2.13 44.76
N SER C 60 -18.53 -2.21 46.02
CA SER C 60 -19.58 -3.16 46.35
C SER C 60 -20.89 -2.87 45.63
N GLU C 61 -21.21 -1.59 45.36
CA GLU C 61 -22.40 -1.11 44.66
CA GLU C 61 -22.47 -1.37 44.74
C GLU C 61 -22.43 -1.69 43.23
N ILE C 62 -21.25 -1.51 42.58
CA ILE C 62 -21.03 -2.05 41.20
C ILE C 62 -21.15 -3.56 41.22
N TYR C 63 -20.54 -4.18 42.25
CA TYR C 63 -20.64 -5.59 42.43
C TYR C 63 -22.08 -6.06 42.49
N THR C 64 -22.95 -5.48 43.35
CA THR C 64 -24.30 -6.01 43.49
C THR C 64 -25.05 -5.74 42.18
N LEU C 65 -24.89 -4.59 41.58
CA LEU C 65 -25.53 -4.30 40.29
C LEU C 65 -25.26 -5.40 39.26
N LEU C 66 -23.99 -5.79 39.13
CA LEU C 66 -23.71 -6.78 38.10
C LEU C 66 -24.12 -8.17 38.55
N THR C 67 -23.89 -8.49 39.81
CA THR C 67 -24.34 -9.77 40.32
C THR C 67 -25.83 -10.02 40.05
N ASP C 68 -26.65 -8.97 40.21
CA ASP C 68 -28.07 -9.10 40.05
C ASP C 68 -28.59 -8.95 38.57
N ASN C 69 -27.81 -8.28 37.72
CA ASN C 69 -28.29 -7.74 36.45
C ASN C 69 -27.37 -7.95 35.22
N TYR C 70 -26.22 -8.62 35.38
CA TYR C 70 -25.31 -8.80 34.22
C TYR C 70 -25.70 -9.95 33.31
N VAL C 71 -24.77 -10.43 32.49
CA VAL C 71 -25.00 -11.42 31.40
C VAL C 71 -25.51 -12.78 31.91
N GLU C 72 -26.67 -13.21 31.39
CA GLU C 72 -27.17 -14.55 31.62
C GLU C 72 -27.00 -15.40 30.36
N ASP C 73 -27.01 -16.73 30.50
CA ASP C 73 -26.78 -17.55 29.32
C ASP C 73 -28.05 -17.48 28.53
N ASP C 74 -27.94 -17.81 27.25
CA ASP C 74 -29.13 -17.90 26.39
C ASP C 74 -30.38 -18.45 27.04
N ASP C 75 -30.22 -19.32 28.03
CA ASP C 75 -31.35 -20.06 28.63
C ASP C 75 -31.69 -19.65 30.02
N ASN C 76 -31.02 -18.61 30.52
CA ASN C 76 -31.30 -18.06 31.86
C ASN C 76 -31.25 -19.06 33.03
N ILE C 77 -30.18 -19.86 33.06
CA ILE C 77 -29.89 -20.74 34.17
C ILE C 77 -28.57 -20.32 34.90
N PHE C 78 -27.68 -19.58 34.20
CA PHE C 78 -26.52 -18.94 34.87
C PHE C 78 -26.43 -17.46 34.63
N ARG C 79 -25.86 -16.73 35.61
CA ARG C 79 -25.53 -15.28 35.49
C ARG C 79 -24.08 -15.09 35.91
N PHE C 80 -23.28 -14.46 35.04
CA PHE C 80 -21.87 -14.15 35.37
C PHE C 80 -21.82 -13.38 36.72
N ASN C 81 -20.80 -13.66 37.53
CA ASN C 81 -20.73 -13.14 38.87
C ASN C 81 -19.30 -12.62 39.11
N TYR C 82 -18.83 -11.69 38.31
CA TYR C 82 -17.53 -11.06 38.60
C TYR C 82 -17.43 -10.65 40.07
N SER C 83 -16.30 -11.01 40.71
CA SER C 83 -16.09 -10.60 42.10
C SER C 83 -15.70 -9.11 42.25
N ALA C 84 -15.87 -8.56 43.44
CA ALA C 84 -15.41 -7.21 43.74
C ALA C 84 -13.96 -7.11 43.52
N GLU C 85 -13.14 -8.06 43.99
CA GLU C 85 -11.66 -7.98 43.73
C GLU C 85 -11.37 -8.07 42.23
N PHE C 86 -12.14 -8.89 41.51
CA PHE C 86 -11.96 -8.97 40.06
C PHE C 86 -12.18 -7.53 39.42
N LEU C 87 -13.27 -6.87 39.81
CA LEU C 87 -13.62 -5.53 39.29
C LEU C 87 -12.51 -4.51 39.65
N LEU C 88 -11.99 -4.59 40.84
CA LEU C 88 -10.84 -3.77 41.13
C LEU C 88 -9.68 -3.94 40.12
N TRP C 89 -9.31 -5.22 39.87
CA TRP C 89 -8.20 -5.52 38.98
C TRP C 89 -8.55 -5.11 37.57
N ALA C 90 -9.76 -5.43 37.14
CA ALA C 90 -10.09 -5.16 35.71
C ALA C 90 -10.15 -3.67 35.37
N LEU C 91 -10.34 -2.81 36.37
CA LEU C 91 -10.73 -1.42 36.14
C LEU C 91 -9.62 -0.48 36.51
N THR C 92 -8.60 -0.98 37.18
CA THR C 92 -7.53 -0.08 37.61
C THR C 92 -6.19 -0.38 37.03
N SER C 93 -6.17 -0.72 35.74
CA SER C 93 -4.97 -1.00 35.00
C SER C 93 -4.12 0.30 34.83
N PRO C 94 -2.92 0.18 34.34
CA PRO C 94 -2.02 1.36 34.32
C PRO C 94 -2.66 2.51 33.50
N ASN C 95 -2.55 3.71 34.07
CA ASN C 95 -3.01 4.95 33.43
C ASN C 95 -4.53 4.99 33.27
N TYR C 96 -5.22 4.18 34.04
CA TYR C 96 -6.69 4.19 33.94
C TYR C 96 -7.30 5.58 34.28
N LEU C 97 -8.49 5.89 33.73
CA LEU C 97 -9.17 7.15 34.04
C LEU C 97 -10.31 6.91 34.95
N LYS C 98 -10.38 7.66 36.07
CA LYS C 98 -11.51 7.66 36.94
C LYS C 98 -12.80 8.17 36.24
N THR C 99 -12.66 9.04 35.25
CA THR C 99 -13.80 9.55 34.45
C THR C 99 -14.52 8.42 33.67
N TRP C 100 -13.83 7.29 33.42
CA TRP C 100 -14.32 6.21 32.57
C TRP C 100 -15.08 5.12 33.36
N HIS C 101 -15.22 5.32 34.69
CA HIS C 101 -15.98 4.37 35.52
C HIS C 101 -17.29 5.02 35.87
N ILE C 102 -18.30 4.73 35.11
CA ILE C 102 -19.49 5.57 35.08
C ILE C 102 -20.70 4.83 35.60
N GLY C 103 -21.31 5.38 36.64
CA GLY C 103 -22.58 4.83 37.12
C GLY C 103 -23.82 5.68 36.82
N VAL C 104 -25.01 5.07 36.96
CA VAL C 104 -26.20 5.88 36.91
C VAL C 104 -26.95 5.46 38.16
N LYS C 105 -27.41 6.44 38.96
CA LYS C 105 -28.15 6.18 40.18
C LYS C 105 -29.60 6.61 40.03
N TYR C 106 -30.54 5.88 40.68
CA TYR C 106 -31.89 6.42 40.78
C TYR C 106 -31.96 7.28 42.01
N ASP C 107 -32.38 8.55 41.88
CA ASP C 107 -32.35 9.43 43.04
C ASP C 107 -33.25 9.04 44.19
N ALA C 108 -34.33 8.30 43.92
CA ALA C 108 -35.38 7.95 44.89
C ALA C 108 -34.82 6.91 45.84
N SER C 109 -33.97 6.01 45.32
CA SER C 109 -33.34 4.94 46.15
C SER C 109 -31.86 5.20 46.48
N ASN C 110 -31.22 6.14 45.81
CA ASN C 110 -29.75 6.24 45.92
C ASN C 110 -28.98 4.98 45.54
N LYS C 111 -29.57 4.15 44.68
CA LYS C 111 -28.92 2.93 44.24
C LYS C 111 -28.51 2.98 42.74
N LEU C 112 -27.45 2.23 42.39
CA LEU C 112 -26.90 2.18 41.01
C LEU C 112 -27.87 1.34 40.24
N ILE C 113 -28.28 1.85 39.10
CA ILE C 113 -29.15 1.06 38.20
C ILE C 113 -28.43 0.90 36.85
N GLY C 114 -27.27 1.56 36.65
CA GLY C 114 -26.63 1.39 35.37
C GLY C 114 -25.15 1.62 35.57
N PHE C 115 -24.35 0.99 34.72
CA PHE C 115 -22.86 1.16 34.77
C PHE C 115 -22.27 0.93 33.37
N ILE C 116 -21.13 1.58 33.05
CA ILE C 116 -20.38 1.20 31.92
C ILE C 116 -18.97 1.68 32.23
N SER C 117 -17.99 0.98 31.67
CA SER C 117 -16.61 1.25 31.98
C SER C 117 -15.71 1.13 30.77
N ALA C 118 -14.52 1.69 30.86
CA ALA C 118 -13.46 1.51 29.82
C ALA C 118 -12.11 1.70 30.52
N ILE C 119 -11.10 1.05 29.97
CA ILE C 119 -9.70 1.28 30.30
C ILE C 119 -8.90 1.52 29.01
N PRO C 120 -7.83 2.32 29.11
CA PRO C 120 -7.01 2.61 27.93
C PRO C 120 -5.97 1.53 27.64
N THR C 121 -5.79 1.22 26.35
CA THR C 121 -4.77 0.24 25.95
CA THR C 121 -5.00 0.08 25.86
C THR C 121 -4.38 0.54 24.53
N ASP C 122 -3.15 0.18 24.18
CA ASP C 122 -2.72 0.33 22.75
C ASP C 122 -3.11 -0.95 22.01
N ILE C 123 -3.85 -0.81 20.90
CA ILE C 123 -4.34 -1.94 20.17
C ILE C 123 -3.74 -1.90 18.81
N CYS C 124 -3.25 -3.06 18.41
CA CYS C 124 -2.67 -3.21 17.05
C CYS C 124 -3.68 -3.96 16.20
N ILE C 125 -4.21 -3.33 15.14
CA ILE C 125 -5.18 -3.94 14.25
C ILE C 125 -4.53 -3.91 12.86
N HIS C 126 -4.33 -5.08 12.25
CA HIS C 126 -3.77 -5.17 10.88
CA HIS C 126 -3.80 -5.19 10.88
C HIS C 126 -2.53 -4.32 10.81
N LYS C 127 -1.64 -4.50 11.78
CA LYS C 127 -0.35 -3.71 11.85
C LYS C 127 -0.35 -2.19 12.05
N ARG C 128 -1.46 -1.63 12.48
CA ARG C 128 -1.40 -0.24 12.91
C ARG C 128 -1.68 -0.24 14.38
N THR C 129 -0.83 0.49 15.11
CA THR C 129 -1.09 0.58 16.54
C THR C 129 -1.82 1.87 16.90
N ILE C 130 -2.98 1.74 17.53
CA ILE C 130 -3.91 2.82 17.86
C ILE C 130 -4.17 2.83 19.37
N LYS C 131 -4.10 4.01 20.00
CA LYS C 131 -4.63 4.14 21.37
C LYS C 131 -6.13 3.97 21.35
N MET C 132 -6.58 3.05 22.14
CA MET C 132 -8.05 2.81 22.20
C MET C 132 -8.54 2.75 23.64
N ALA C 133 -9.88 2.75 23.76
CA ALA C 133 -10.55 2.45 25.02
C ALA C 133 -11.06 1.01 24.88
N GLU C 134 -10.86 0.17 25.92
CA GLU C 134 -11.45 -1.14 25.94
C GLU C 134 -12.70 -1.06 26.84
N VAL C 135 -13.88 -1.34 26.26
CA VAL C 135 -15.14 -1.05 26.91
C VAL C 135 -15.78 -2.35 27.49
N ASN C 136 -16.21 -2.27 28.74
CA ASN C 136 -16.72 -3.46 29.41
C ASN C 136 -17.70 -3.17 30.53
N PHE C 137 -18.48 -4.19 30.93
CA PHE C 137 -19.32 -4.07 32.09
C PHE C 137 -20.53 -3.16 31.88
N LEU C 138 -20.96 -3.00 30.62
CA LEU C 138 -22.23 -2.29 30.34
C LEU C 138 -23.40 -3.06 30.99
N CYS C 139 -24.20 -2.39 31.82
CA CYS C 139 -25.29 -3.07 32.53
C CYS C 139 -26.36 -2.08 32.87
N VAL C 140 -27.58 -2.42 32.55
CA VAL C 140 -28.76 -1.70 32.96
C VAL C 140 -29.65 -2.64 33.81
N HIS C 141 -30.08 -2.15 34.96
CA HIS C 141 -31.03 -2.96 35.79
C HIS C 141 -32.17 -3.64 35.06
N LYS C 142 -32.47 -4.86 35.47
CA LYS C 142 -33.47 -5.64 34.74
C LYS C 142 -34.84 -4.90 34.68
N THR C 143 -35.16 -4.11 35.70
CA THR C 143 -36.45 -3.41 35.75
C THR C 143 -36.51 -2.24 34.75
N LEU C 144 -35.39 -1.86 34.13
CA LEU C 144 -35.31 -0.62 33.30
C LEU C 144 -34.87 -0.95 31.86
N ARG C 145 -35.09 -2.18 31.43
CA ARG C 145 -34.67 -2.60 30.11
C ARG C 145 -35.57 -2.12 28.98
N SER C 146 -34.96 -1.99 27.81
CA SER C 146 -35.64 -1.61 26.56
C SER C 146 -36.22 -0.19 26.63
N LYS C 147 -35.53 0.65 27.39
CA LYS C 147 -35.92 2.07 27.58
C LYS C 147 -34.90 2.97 26.92
N ARG C 148 -34.04 2.40 26.07
CA ARG C 148 -32.99 3.19 25.40
C ARG C 148 -32.05 3.87 26.39
N LEU C 149 -31.78 3.29 27.57
CA LEU C 149 -30.73 3.77 28.45
C LEU C 149 -29.36 3.39 27.94
N ALA C 150 -29.27 2.20 27.29
CA ALA C 150 -27.89 1.80 26.91
C ALA C 150 -27.23 2.80 25.97
N PRO C 151 -27.94 3.29 24.95
CA PRO C 151 -27.30 4.30 24.10
C PRO C 151 -26.86 5.57 24.86
N VAL C 152 -27.56 5.95 25.95
CA VAL C 152 -27.13 7.12 26.72
C VAL C 152 -25.76 6.81 27.39
N LEU C 153 -25.67 5.59 27.95
CA LEU C 153 -24.45 5.14 28.60
C LEU C 153 -23.31 5.08 27.58
N ILE C 154 -23.61 4.58 26.37
CA ILE C 154 -22.55 4.50 25.35
C ILE C 154 -22.06 5.85 24.84
N LYS C 155 -23.04 6.73 24.56
CA LYS C 155 -22.73 8.10 24.15
C LYS C 155 -21.94 8.86 25.17
N GLU C 156 -22.30 8.66 26.46
CA GLU C 156 -21.64 9.40 27.51
C GLU C 156 -20.19 8.88 27.69
N ILE C 157 -19.99 7.55 27.67
CA ILE C 157 -18.55 7.14 27.80
C ILE C 157 -17.72 7.55 26.55
N THR C 158 -18.34 7.61 25.34
CA THR C 158 -17.60 7.99 24.12
C THR C 158 -17.11 9.42 24.30
N ARG C 159 -18.05 10.24 24.82
CA ARG C 159 -17.74 11.66 25.08
C ARG C 159 -16.52 11.75 25.99
N ARG C 160 -16.48 11.03 27.14
CA ARG C 160 -15.36 11.11 28.09
C ARG C 160 -14.09 10.49 27.61
N ILE C 161 -14.27 9.54 26.70
CA ILE C 161 -13.11 8.95 26.02
C ILE C 161 -12.56 9.94 25.01
N ASN C 162 -13.44 10.58 24.21
CA ASN C 162 -12.94 11.63 23.28
C ASN C 162 -12.26 12.77 23.97
N LEU C 163 -12.67 13.12 25.20
CA LEU C 163 -11.89 14.14 25.98
C LEU C 163 -10.41 13.80 26.30
N GLU C 164 -10.05 12.53 26.14
CA GLU C 164 -8.64 12.11 26.28
C GLU C 164 -7.97 11.98 24.89
N ASN C 165 -8.66 12.47 23.88
CA ASN C 165 -8.11 12.40 22.52
C ASN C 165 -7.95 10.99 22.02
N ILE C 166 -9.00 10.18 22.28
CA ILE C 166 -9.05 8.76 21.94
C ILE C 166 -10.37 8.65 21.19
N TRP C 167 -10.30 8.06 20.01
CA TRP C 167 -11.38 8.07 19.04
C TRP C 167 -11.75 6.69 18.56
N GLN C 168 -11.05 5.68 19.07
CA GLN C 168 -11.38 4.27 18.76
C GLN C 168 -11.60 3.50 20.02
N ALA C 169 -12.38 2.45 19.91
CA ALA C 169 -12.58 1.51 21.03
C ALA C 169 -12.63 0.08 20.54
N ILE C 170 -12.39 -0.83 21.51
CA ILE C 170 -12.59 -2.27 21.28
C ILE C 170 -13.58 -2.75 22.31
N TYR C 171 -14.43 -3.72 21.92
CA TYR C 171 -15.44 -4.27 22.81
C TYR C 171 -15.84 -5.64 22.30
N THR C 172 -16.46 -6.47 23.16
CA THR C 172 -16.93 -7.80 22.73
C THR C 172 -18.37 -7.92 23.18
N ALA C 173 -19.12 -8.86 22.63
CA ALA C 173 -20.47 -9.19 23.11
C ALA C 173 -20.85 -10.51 22.52
N GLY C 174 -21.80 -11.15 23.19
CA GLY C 174 -22.39 -12.30 22.64
C GLY C 174 -23.52 -12.08 21.60
N VAL C 175 -24.11 -10.89 21.65
CA VAL C 175 -25.13 -10.51 20.67
C VAL C 175 -24.46 -10.01 19.40
N TYR C 176 -25.19 -10.22 18.31
CA TYR C 176 -24.75 -9.79 17.00
C TYR C 176 -25.20 -8.35 16.73
N LEU C 177 -24.19 -7.46 16.56
CA LEU C 177 -24.39 -6.04 16.33
C LEU C 177 -23.58 -5.61 15.07
N PRO C 178 -23.78 -4.40 14.54
CA PRO C 178 -23.02 -3.96 13.37
C PRO C 178 -21.61 -3.49 13.83
N LYS C 179 -20.52 -4.11 13.34
CA LYS C 179 -20.53 -5.45 12.66
C LYS C 179 -19.21 -6.09 13.20
N PRO C 180 -19.20 -7.41 13.47
CA PRO C 180 -17.97 -7.98 14.04
C PRO C 180 -16.75 -7.89 13.10
N VAL C 181 -15.61 -7.61 13.71
CA VAL C 181 -14.34 -7.79 13.03
C VAL C 181 -13.94 -9.28 13.08
N SER C 182 -14.37 -10.01 14.10
CA SER C 182 -14.10 -11.44 14.17
C SER C 182 -15.20 -12.07 15.07
N ASP C 183 -15.39 -13.39 14.99
CA ASP C 183 -16.34 -14.13 15.76
C ASP C 183 -15.67 -15.39 16.26
N ALA C 184 -15.75 -15.62 17.58
CA ALA C 184 -15.06 -16.75 18.19
C ALA C 184 -15.98 -17.62 18.99
N ARG C 185 -16.17 -18.86 18.52
CA ARG C 185 -16.93 -19.87 19.31
C ARG C 185 -16.27 -20.10 20.70
N TYR C 186 -17.15 -20.31 21.65
CA TYR C 186 -16.79 -20.78 23.00
C TYR C 186 -16.61 -22.28 23.10
N TYR C 187 -15.59 -22.70 23.85
CA TYR C 187 -15.40 -24.11 24.16
C TYR C 187 -15.16 -24.28 25.65
N HIS C 188 -15.51 -25.47 26.16
CA HIS C 188 -15.49 -25.77 27.60
CA HIS C 188 -15.40 -25.74 27.59
C HIS C 188 -14.85 -27.12 27.83
N ARG C 189 -14.00 -27.23 28.84
N ARG C 189 -13.95 -27.22 28.81
CA ARG C 189 -13.40 -28.52 29.19
CA ARG C 189 -13.38 -28.51 29.26
C ARG C 189 -13.85 -28.83 30.62
C ARG C 189 -13.91 -28.78 30.66
N SER C 190 -14.77 -29.79 30.83
CA SER C 190 -15.35 -30.07 32.14
C SER C 190 -14.27 -30.61 33.08
N ILE C 191 -14.25 -30.10 34.30
CA ILE C 191 -13.40 -30.65 35.34
C ILE C 191 -14.22 -31.39 36.38
N ASN C 192 -15.12 -30.69 37.08
CA ASN C 192 -15.99 -31.31 38.10
CA ASN C 192 -15.97 -31.33 38.07
C ASN C 192 -17.22 -31.81 37.41
N VAL C 193 -17.05 -32.91 36.69
CA VAL C 193 -18.09 -33.51 35.86
C VAL C 193 -19.40 -33.77 36.59
N LYS C 194 -19.35 -34.23 37.83
CA LYS C 194 -20.60 -34.65 38.51
C LYS C 194 -21.48 -33.38 38.67
N LYS C 195 -20.80 -32.28 38.98
CA LYS C 195 -21.47 -30.98 39.15
C LYS C 195 -22.01 -30.40 37.83
N LEU C 196 -21.26 -30.50 36.76
CA LEU C 196 -21.67 -29.92 35.48
C LEU C 196 -22.89 -30.61 34.88
N ILE C 197 -22.97 -31.89 35.20
CA ILE C 197 -24.12 -32.74 34.89
C ILE C 197 -25.31 -32.25 35.70
N GLU C 198 -25.14 -32.13 37.03
CA GLU C 198 -26.28 -31.81 37.92
C GLU C 198 -26.98 -30.50 37.58
N ILE C 199 -26.18 -29.46 37.35
CA ILE C 199 -26.67 -28.20 36.81
C ILE C 199 -27.03 -28.51 35.34
N GLY C 200 -26.73 -27.68 34.35
CA GLY C 200 -27.07 -28.14 32.99
C GLY C 200 -26.16 -27.48 32.00
N PHE C 201 -24.87 -27.54 32.31
CA PHE C 201 -23.88 -26.83 31.57
C PHE C 201 -23.50 -27.64 30.32
N ALA C 213 -17.24 -40.56 30.26
CA ALA C 213 -17.26 -39.56 31.36
C ALA C 213 -15.99 -39.64 32.15
N ILE C 214 -15.59 -40.86 32.49
CA ILE C 214 -14.32 -41.17 33.16
C ILE C 214 -13.15 -40.86 32.21
N LYS C 215 -13.46 -40.75 30.93
CA LYS C 215 -12.49 -40.19 30.02
C LYS C 215 -12.25 -38.71 30.48
N LEU C 216 -13.33 -38.05 30.95
CA LEU C 216 -13.28 -36.66 31.49
C LEU C 216 -12.89 -36.58 32.96
N TYR C 217 -13.38 -37.52 33.77
CA TYR C 217 -13.07 -37.59 35.19
C TYR C 217 -11.58 -37.84 35.50
N ARG C 218 -10.92 -38.62 34.64
CA ARG C 218 -9.52 -38.96 34.85
C ARG C 218 -8.55 -37.94 34.26
N VAL C 219 -8.04 -37.07 35.12
CA VAL C 219 -6.92 -36.26 34.77
C VAL C 219 -5.72 -36.59 35.66
N GLU C 220 -4.58 -36.93 35.03
CA GLU C 220 -3.32 -37.19 35.74
C GLU C 220 -2.84 -35.94 36.47
N ASP C 221 -2.62 -36.07 37.78
CA ASP C 221 -2.23 -34.96 38.57
C ASP C 221 -0.71 -34.69 38.43
N THR C 222 -0.19 -34.78 37.22
CA THR C 222 1.27 -34.47 36.96
C THR C 222 1.44 -33.57 35.74
N LEU C 223 2.19 -32.51 35.94
CA LEU C 223 2.51 -31.48 34.88
C LEU C 223 3.45 -31.97 33.78
N ASN C 224 3.15 -31.61 32.54
CA ASN C 224 4.03 -31.95 31.45
C ASN C 224 5.24 -31.07 31.51
N ILE C 225 5.05 -29.89 32.09
CA ILE C 225 6.15 -28.93 32.15
C ILE C 225 6.41 -28.77 33.65
N LYS C 226 7.32 -29.62 34.16
CA LYS C 226 7.37 -29.87 35.60
C LYS C 226 7.62 -28.60 36.43
N ASN C 227 8.36 -27.64 35.89
CA ASN C 227 8.72 -26.47 36.67
C ASN C 227 7.74 -25.25 36.59
N MET C 228 6.56 -25.45 35.99
CA MET C 228 5.46 -24.42 35.98
CA MET C 228 5.49 -24.41 35.98
C MET C 228 5.20 -23.92 37.37
N ARG C 229 5.46 -22.62 37.59
CA ARG C 229 5.23 -22.07 38.92
C ARG C 229 4.61 -20.69 38.84
N LEU C 230 4.09 -20.19 39.97
CA LEU C 230 3.30 -18.95 39.94
C LEU C 230 4.25 -17.85 39.61
N MET C 231 3.82 -16.93 38.72
CA MET C 231 4.68 -15.84 38.32
C MET C 231 5.00 -14.92 39.55
N LYS C 232 6.20 -14.37 39.53
CA LYS C 232 6.62 -13.41 40.56
CA LYS C 232 6.70 -13.43 40.55
C LYS C 232 7.11 -12.11 39.90
N LYS C 233 7.21 -11.03 40.67
CA LYS C 233 7.62 -9.71 40.12
C LYS C 233 8.92 -9.78 39.29
N LYS C 234 9.86 -10.62 39.73
CA LYS C 234 11.08 -10.75 38.96
C LYS C 234 10.82 -11.32 37.59
N ASP C 235 9.68 -11.99 37.36
CA ASP C 235 9.42 -12.56 36.02
C ASP C 235 8.83 -11.58 35.01
N VAL C 236 8.62 -10.31 35.42
CA VAL C 236 7.81 -9.39 34.56
C VAL C 236 8.49 -9.16 33.20
N GLU C 237 9.79 -8.84 33.23
CA GLU C 237 10.49 -8.61 32.00
CA GLU C 237 10.60 -8.65 32.05
C GLU C 237 10.49 -9.83 31.08
N GLY C 238 10.76 -11.01 31.63
CA GLY C 238 10.73 -12.17 30.78
C GLY C 238 9.34 -12.45 30.22
N VAL C 239 8.26 -12.27 31.01
CA VAL C 239 6.87 -12.48 30.53
C VAL C 239 6.51 -11.45 29.43
N HIS C 240 6.93 -10.22 29.67
CA HIS C 240 6.78 -9.17 28.65
C HIS C 240 7.49 -9.50 27.33
N LYS C 241 8.73 -10.01 27.37
CA LYS C 241 9.45 -10.37 26.13
C LYS C 241 8.80 -11.58 25.43
N LEU C 242 8.42 -12.60 26.22
CA LEU C 242 7.78 -13.79 25.69
C LEU C 242 6.44 -13.56 25.03
N LEU C 243 5.52 -12.98 25.80
CA LEU C 243 4.24 -12.62 25.26
C LEU C 243 4.30 -11.55 24.18
N GLY C 244 5.09 -10.54 24.40
CA GLY C 244 5.16 -9.39 23.46
C GLY C 244 5.51 -9.90 22.10
N SER C 245 6.56 -10.73 22.03
CA SER C 245 7.01 -11.32 20.75
C SER C 245 5.95 -12.22 20.13
N TYR C 246 5.33 -13.05 20.93
CA TYR C 246 4.31 -13.96 20.48
C TYR C 246 3.11 -13.26 19.83
N LEU C 247 2.70 -12.14 20.40
CA LEU C 247 1.42 -11.55 19.97
C LEU C 247 1.51 -10.91 18.60
N GLU C 248 2.75 -10.56 18.19
CA GLU C 248 3.00 -9.79 16.94
C GLU C 248 2.48 -10.50 15.70
N GLN C 249 2.29 -11.83 15.77
CA GLN C 249 1.86 -12.60 14.63
C GLN C 249 0.36 -12.37 14.32
N PHE C 250 -0.40 -11.73 15.23
CA PHE C 250 -1.86 -11.72 15.11
C PHE C 250 -2.35 -10.47 14.45
N ASN C 251 -3.58 -10.52 13.93
CA ASN C 251 -4.14 -9.29 13.29
CA ASN C 251 -4.24 -9.36 13.29
C ASN C 251 -4.80 -8.34 14.30
N LEU C 252 -4.97 -8.72 15.57
CA LEU C 252 -5.56 -7.82 16.51
C LEU C 252 -5.00 -8.23 17.87
N TYR C 253 -4.25 -7.35 18.55
CA TYR C 253 -3.72 -7.69 19.88
C TYR C 253 -3.48 -6.42 20.64
N ALA C 254 -3.36 -6.50 21.99
CA ALA C 254 -2.93 -5.40 22.84
C ALA C 254 -1.38 -5.29 22.85
N VAL C 255 -0.81 -4.12 22.66
CA VAL C 255 0.59 -3.98 22.76
C VAL C 255 0.96 -3.62 24.22
N PHE C 256 1.36 -4.62 25.00
CA PHE C 256 1.57 -4.45 26.43
C PHE C 256 2.86 -3.71 26.75
N THR C 257 2.79 -2.78 27.68
CA THR C 257 4.03 -2.23 28.28
C THR C 257 4.46 -3.17 29.43
N LYS C 258 5.68 -3.00 29.95
CA LYS C 258 6.12 -3.77 31.13
C LYS C 258 5.16 -3.53 32.29
N GLU C 259 4.79 -2.27 32.50
CA GLU C 259 3.84 -1.99 33.58
C GLU C 259 2.51 -2.74 33.43
N GLU C 260 2.08 -2.93 32.18
CA GLU C 260 0.79 -3.56 31.94
C GLU C 260 0.93 -5.05 32.10
N ILE C 261 2.08 -5.60 31.70
CA ILE C 261 2.37 -6.99 32.01
C ILE C 261 2.27 -7.22 33.52
N ALA C 262 2.92 -6.35 34.34
CA ALA C 262 2.87 -6.61 35.79
C ALA C 262 1.38 -6.65 36.25
N HIS C 263 0.60 -5.68 35.79
CA HIS C 263 -0.79 -5.60 36.22
C HIS C 263 -1.61 -6.74 35.78
N TRP C 264 -1.57 -7.10 34.49
CA TRP C 264 -2.50 -8.06 33.92
C TRP C 264 -2.16 -9.51 34.25
N PHE C 265 -0.92 -9.73 34.68
CA PHE C 265 -0.49 -11.12 34.95
C PHE C 265 -0.04 -11.48 36.33
N LEU C 266 0.44 -10.55 37.15
CA LEU C 266 0.97 -10.99 38.47
C LEU C 266 -0.23 -11.56 39.27
N PRO C 267 -0.04 -12.71 39.91
CA PRO C 267 -1.19 -13.41 40.41
C PRO C 267 -1.93 -12.75 41.55
N ILE C 268 -3.25 -12.82 41.54
CA ILE C 268 -4.06 -12.34 42.64
C ILE C 268 -5.03 -13.50 42.83
N GLU C 269 -5.07 -14.07 44.04
CA GLU C 269 -5.96 -15.22 44.31
CA GLU C 269 -5.97 -15.19 44.33
C GLU C 269 -7.44 -14.98 43.96
N ASN C 270 -8.02 -15.96 43.26
CA ASN C 270 -9.44 -15.89 42.82
C ASN C 270 -9.75 -14.79 41.79
N VAL C 271 -8.67 -14.36 41.12
CA VAL C 271 -8.84 -13.33 40.12
C VAL C 271 -8.09 -13.75 38.88
N ILE C 272 -6.76 -13.73 38.98
CA ILE C 272 -5.86 -13.95 37.84
C ILE C 272 -4.71 -14.92 38.27
N TYR C 273 -4.43 -15.92 37.43
CA TYR C 273 -3.45 -16.98 37.76
C TYR C 273 -2.50 -17.01 36.59
N THR C 274 -1.22 -16.78 36.87
CA THR C 274 -0.18 -16.87 35.84
C THR C 274 0.93 -17.75 36.33
N TYR C 275 1.30 -18.71 35.47
CA TYR C 275 2.35 -19.70 35.75
C TYR C 275 3.36 -19.57 34.67
N VAL C 276 4.59 -19.73 35.08
CA VAL C 276 5.73 -19.64 34.15
C VAL C 276 6.68 -20.82 34.27
N ASN C 277 7.29 -21.16 33.15
CA ASN C 277 8.48 -22.06 33.20
C ASN C 277 9.83 -21.28 32.95
N GLU C 278 10.70 -21.24 33.98
CA GLU C 278 11.95 -20.53 33.89
C GLU C 278 13.05 -21.55 33.69
N GLU C 279 13.74 -21.52 32.54
CA GLU C 279 14.86 -22.40 32.24
C GLU C 279 16.05 -21.46 31.96
N ASN C 280 17.15 -21.55 32.73
CA ASN C 280 18.34 -20.71 32.49
C ASN C 280 18.11 -19.22 32.55
N GLY C 281 17.45 -18.73 33.61
CA GLY C 281 17.13 -17.31 33.74
C GLY C 281 16.16 -16.75 32.68
N LYS C 282 15.67 -17.61 31.79
CA LYS C 282 14.74 -17.17 30.76
C LYS C 282 13.34 -17.69 31.01
N ILE C 283 12.34 -16.85 30.80
CA ILE C 283 10.94 -17.34 30.81
C ILE C 283 10.61 -17.93 29.46
N LYS C 284 10.36 -19.25 29.41
CA LYS C 284 10.22 -19.94 28.14
CA LYS C 284 10.21 -19.94 28.14
C LYS C 284 8.79 -20.35 27.83
N ASP C 285 7.95 -20.47 28.87
CA ASP C 285 6.57 -20.89 28.66
C ASP C 285 5.71 -20.17 29.69
N MET C 286 4.48 -19.80 29.32
CA MET C 286 3.51 -19.24 30.28
C MET C 286 2.11 -19.84 30.07
N ILE C 287 1.40 -19.90 31.20
CA ILE C 287 -0.02 -20.24 31.22
C ILE C 287 -0.75 -19.13 32.04
N SER C 288 -1.93 -18.69 31.57
CA SER C 288 -2.68 -17.76 32.40
C SER C 288 -4.18 -18.00 32.21
N PHE C 289 -4.94 -17.76 33.28
CA PHE C 289 -6.41 -17.86 33.22
C PHE C 289 -6.93 -16.99 34.32
N TYR C 290 -8.08 -16.39 34.04
CA TYR C 290 -8.80 -15.63 35.08
C TYR C 290 -9.99 -16.37 35.67
N SER C 291 -10.44 -15.91 36.85
CA SER C 291 -11.53 -16.60 37.54
C SER C 291 -12.82 -15.78 37.33
N LEU C 292 -13.84 -16.43 36.80
CA LEU C 292 -15.11 -15.72 36.62
C LEU C 292 -16.23 -16.71 37.02
N PRO C 293 -16.68 -16.63 38.24
CA PRO C 293 -17.79 -17.53 38.60
C PRO C 293 -19.11 -17.13 37.96
N SER C 294 -20.05 -18.05 37.95
CA SER C 294 -21.44 -17.75 37.61
C SER C 294 -22.37 -18.19 38.72
N GLN C 295 -23.42 -17.39 38.94
CA GLN C 295 -24.45 -17.72 39.89
C GLN C 295 -25.35 -18.72 39.18
N ILE C 296 -25.68 -19.80 39.88
CA ILE C 296 -26.52 -20.84 39.28
C ILE C 296 -27.97 -20.51 39.68
N LEU C 297 -28.86 -20.28 38.71
CA LEU C 297 -30.09 -19.61 39.13
C LEU C 297 -31.06 -20.73 39.31
N GLY C 298 -31.81 -20.67 40.41
CA GLY C 298 -32.78 -21.71 40.77
C GLY C 298 -32.29 -23.15 40.78
N ASN C 299 -31.20 -23.44 41.51
CA ASN C 299 -30.76 -24.84 41.64
C ASN C 299 -30.98 -25.45 43.02
N ASP C 300 -30.78 -24.62 44.05
CA ASP C 300 -31.06 -24.97 45.45
C ASP C 300 -29.96 -25.91 45.97
N LYS C 301 -29.66 -26.97 45.23
CA LYS C 301 -28.44 -27.76 45.46
C LYS C 301 -27.10 -26.93 45.39
N TYR C 302 -26.79 -26.39 44.21
CA TYR C 302 -25.54 -25.63 44.01
C TYR C 302 -25.86 -24.16 43.74
N SER C 303 -25.01 -23.28 44.22
CA SER C 303 -25.28 -21.88 44.02
C SER C 303 -24.24 -21.17 43.12
N THR C 304 -23.01 -21.67 43.02
CA THR C 304 -22.06 -21.02 42.09
C THR C 304 -21.38 -22.04 41.17
N LEU C 305 -21.19 -21.72 39.89
CA LEU C 305 -20.23 -22.47 39.05
C LEU C 305 -18.87 -21.74 39.11
N ASN C 306 -17.78 -22.39 39.55
CA ASN C 306 -16.47 -21.73 39.58
CA ASN C 306 -16.44 -21.72 39.66
C ASN C 306 -15.68 -22.02 38.32
N ALA C 307 -15.57 -21.03 37.47
CA ALA C 307 -15.01 -21.23 36.19
C ALA C 307 -13.67 -20.49 35.94
N ALA C 308 -12.70 -21.17 35.33
CA ALA C 308 -11.46 -20.53 34.82
C ALA C 308 -11.64 -20.24 33.38
N TYR C 309 -11.08 -19.09 32.96
CA TYR C 309 -11.11 -18.72 31.55
C TYR C 309 -9.75 -18.52 31.02
N SER C 310 -9.39 -19.25 29.97
CA SER C 310 -8.11 -19.07 29.31
C SER C 310 -7.81 -17.64 28.94
N PHE C 311 -6.58 -17.19 29.22
CA PHE C 311 -6.24 -15.81 28.98
C PHE C 311 -5.15 -15.81 27.90
N TYR C 312 -3.85 -15.81 28.28
CA TYR C 312 -2.70 -15.87 27.35
C TYR C 312 -1.79 -17.07 27.69
N ASN C 313 -1.50 -17.90 26.68
CA ASN C 313 -0.68 -19.11 26.85
C ASN C 313 0.32 -19.19 25.70
N VAL C 314 1.62 -19.31 26.03
CA VAL C 314 2.73 -19.40 25.06
C VAL C 314 3.66 -20.51 25.48
N THR C 315 4.00 -21.40 24.52
CA THR C 315 5.00 -22.42 24.79
C THR C 315 6.13 -22.34 23.77
N THR C 316 7.37 -22.37 24.26
CA THR C 316 8.53 -22.53 23.41
C THR C 316 9.31 -23.80 23.75
N THR C 317 8.90 -24.56 24.79
CA THR C 317 9.65 -25.79 25.08
C THR C 317 8.80 -27.07 24.88
N ALA C 318 7.50 -26.91 24.64
CA ALA C 318 6.60 -28.01 24.60
C ALA C 318 5.64 -27.82 23.44
N THR C 319 4.82 -28.83 23.20
CA THR C 319 3.72 -28.58 22.23
C THR C 319 2.62 -27.78 22.90
N PHE C 320 1.79 -27.14 22.08
CA PHE C 320 0.72 -26.29 22.63
C PHE C 320 -0.31 -27.21 23.29
N LYS C 321 -0.46 -28.39 22.73
CA LYS C 321 -1.31 -29.37 23.40
C LYS C 321 -0.86 -29.67 24.85
N GLN C 322 0.45 -29.84 25.04
CA GLN C 322 1.02 -30.25 26.32
C GLN C 322 0.80 -29.10 27.31
N LEU C 323 1.04 -27.88 26.81
CA LEU C 323 0.84 -26.66 27.58
C LEU C 323 -0.61 -26.48 28.07
N MET C 324 -1.56 -26.62 27.16
CA MET C 324 -2.98 -26.47 27.51
C MET C 324 -3.44 -27.58 28.45
N GLN C 325 -2.80 -28.75 28.34
CA GLN C 325 -3.17 -29.83 29.19
C GLN C 325 -2.68 -29.44 30.59
N ASP C 326 -1.47 -28.89 30.72
CA ASP C 326 -1.09 -28.30 32.01
C ASP C 326 -2.03 -27.19 32.53
N ALA C 327 -2.52 -26.32 31.63
CA ALA C 327 -3.39 -25.24 32.07
C ALA C 327 -4.66 -25.88 32.68
N ILE C 328 -5.21 -26.91 32.07
CA ILE C 328 -6.37 -27.59 32.64
C ILE C 328 -6.05 -28.14 34.06
N LEU C 329 -4.98 -28.90 34.14
CA LEU C 329 -4.49 -29.39 35.42
C LEU C 329 -4.35 -28.28 36.47
N LEU C 330 -3.61 -27.15 36.17
CA LEU C 330 -3.52 -26.02 37.09
C LEU C 330 -4.93 -25.51 37.45
N ALA C 331 -5.87 -25.44 36.49
CA ALA C 331 -7.24 -25.06 36.88
C ALA C 331 -7.88 -26.05 37.88
N LYS C 332 -7.65 -27.33 37.64
CA LYS C 332 -8.17 -28.38 38.50
C LYS C 332 -7.64 -28.23 39.91
N ARG C 333 -6.32 -28.03 40.00
CA ARG C 333 -5.61 -27.92 41.28
C ARG C 333 -6.11 -26.71 42.03
N ASN C 334 -6.56 -25.67 41.31
CA ASN C 334 -7.10 -24.45 41.91
C ASN C 334 -8.64 -24.48 42.16
N ASN C 335 -9.19 -25.67 42.10
CA ASN C 335 -10.58 -25.95 42.47
CA ASN C 335 -10.58 -25.88 42.49
C ASN C 335 -11.64 -25.42 41.50
N PHE C 336 -11.22 -25.24 40.26
CA PHE C 336 -12.18 -24.85 39.23
C PHE C 336 -13.04 -25.95 38.73
N ASP C 337 -14.29 -25.63 38.48
CA ASP C 337 -15.16 -26.66 37.99
C ASP C 337 -15.07 -26.90 36.48
N VAL C 338 -14.66 -25.88 35.74
CA VAL C 338 -14.67 -25.93 34.31
C VAL C 338 -13.55 -25.03 33.78
N PHE C 339 -13.06 -25.38 32.61
CA PHE C 339 -12.02 -24.57 31.96
C PHE C 339 -12.52 -24.12 30.63
N ASN C 340 -12.68 -22.80 30.47
CA ASN C 340 -13.27 -22.19 29.24
C ASN C 340 -12.20 -21.56 28.39
N ALA C 341 -12.41 -21.61 27.06
CA ALA C 341 -11.53 -20.88 26.16
C ALA C 341 -12.35 -20.49 24.92
N LEU C 342 -11.76 -19.66 24.11
CA LEU C 342 -12.28 -19.27 22.82
C LEU C 342 -11.42 -19.85 21.73
N GLU C 343 -11.98 -19.98 20.51
CA GLU C 343 -11.15 -20.31 19.35
C GLU C 343 -10.19 -19.21 18.79
N VAL C 344 -9.44 -18.59 19.66
CA VAL C 344 -8.55 -17.51 19.27
C VAL C 344 -7.13 -18.03 19.45
N MET C 345 -6.17 -17.29 18.84
CA MET C 345 -4.73 -17.63 18.89
C MET C 345 -4.54 -19.10 18.44
N GLN C 346 -3.81 -19.94 19.18
CA GLN C 346 -3.68 -21.41 18.81
C GLN C 346 -4.71 -22.37 19.41
N ASN C 347 -5.78 -21.87 20.03
CA ASN C 347 -6.60 -22.70 20.88
C ASN C 347 -7.36 -23.76 20.13
N LYS C 348 -7.84 -23.43 18.93
CA LYS C 348 -8.72 -24.36 18.25
C LYS C 348 -7.89 -25.65 17.99
N SER C 349 -6.58 -25.55 17.80
CA SER C 349 -5.83 -26.79 17.48
C SER C 349 -5.88 -27.85 18.55
N VAL C 350 -6.35 -27.57 19.76
CA VAL C 350 -6.20 -28.49 20.90
C VAL C 350 -7.53 -28.93 21.47
N PHE C 351 -8.64 -28.34 20.99
CA PHE C 351 -9.91 -28.63 21.57
C PHE C 351 -10.35 -30.08 21.47
N GLU C 352 -10.18 -30.72 20.30
CA GLU C 352 -10.67 -32.09 20.11
C GLU C 352 -9.86 -33.09 20.96
N ASP C 353 -8.54 -32.98 20.87
CA ASP C 353 -7.57 -33.83 21.61
C ASP C 353 -7.69 -33.64 23.11
N LEU C 354 -8.11 -32.46 23.55
CA LEU C 354 -8.23 -32.26 25.00
C LEU C 354 -9.64 -32.29 25.52
N LYS C 355 -10.57 -32.81 24.70
CA LYS C 355 -11.96 -33.11 25.11
C LYS C 355 -12.78 -31.92 25.58
N PHE C 356 -12.58 -30.78 24.93
CA PHE C 356 -13.42 -29.57 25.01
C PHE C 356 -14.63 -29.84 24.20
N GLY C 357 -15.79 -29.49 24.73
CA GLY C 357 -17.02 -29.41 23.92
C GLY C 357 -17.32 -27.98 23.51
N GLU C 358 -17.96 -27.81 22.34
CA GLU C 358 -18.35 -26.48 21.84
C GLU C 358 -19.54 -25.97 22.66
N GLY C 359 -19.60 -24.67 22.91
CA GLY C 359 -20.77 -24.10 23.57
C GLY C 359 -21.73 -23.39 22.62
N ASP C 360 -22.89 -22.96 23.14
CA ASP C 360 -23.93 -22.27 22.36
C ASP C 360 -23.46 -20.88 21.96
N GLY C 361 -23.68 -20.49 20.71
CA GLY C 361 -23.42 -19.09 20.26
C GLY C 361 -21.93 -18.74 20.08
N SER C 362 -21.54 -17.49 20.23
CA SER C 362 -20.12 -17.17 20.00
C SER C 362 -19.92 -15.79 20.59
N LEU C 363 -18.65 -15.38 20.81
CA LEU C 363 -18.26 -14.04 21.23
C LEU C 363 -17.83 -13.22 20.01
N LYS C 364 -18.50 -12.09 19.81
CA LYS C 364 -18.11 -11.20 18.67
C LYS C 364 -17.18 -10.16 19.15
N TYR C 365 -16.11 -9.86 18.37
CA TYR C 365 -15.18 -8.75 18.61
C TYR C 365 -15.53 -7.56 17.73
N TYR C 366 -15.61 -6.38 18.34
CA TYR C 366 -15.97 -5.17 17.58
C TYR C 366 -14.95 -4.06 17.79
N LEU C 367 -14.79 -3.21 16.78
CA LEU C 367 -14.03 -1.92 16.89
C LEU C 367 -15.03 -0.79 16.64
N TYR C 368 -14.83 0.27 17.39
CA TYR C 368 -15.55 1.57 17.18
C TYR C 368 -14.74 2.53 16.43
N ASN C 369 -15.38 3.16 15.41
CA ASN C 369 -14.65 4.07 14.52
C ASN C 369 -13.43 3.47 13.82
N TRP C 370 -13.59 2.23 13.34
CA TRP C 370 -12.49 1.60 12.62
C TRP C 370 -13.00 0.75 11.53
N LYS C 371 -12.48 1.01 10.33
CA LYS C 371 -12.88 0.25 9.17
C LYS C 371 -11.72 -0.66 8.71
N CYS C 372 -12.02 -1.95 8.57
CA CYS C 372 -11.04 -2.98 8.18
C CYS C 372 -11.74 -4.27 7.82
N ALA C 373 -11.04 -5.13 7.09
CA ALA C 373 -11.57 -6.43 6.74
C ALA C 373 -11.72 -7.33 7.96
N SER C 374 -12.83 -8.07 8.00
CA SER C 374 -13.04 -9.05 9.06
C SER C 374 -12.09 -10.23 8.83
N PHE C 375 -11.81 -10.97 9.89
CA PHE C 375 -10.86 -12.11 9.79
C PHE C 375 -11.30 -13.26 10.72
N ALA C 376 -10.77 -14.43 10.43
CA ALA C 376 -10.98 -15.59 11.23
C ALA C 376 -10.37 -15.48 12.61
N PRO C 377 -11.01 -16.12 13.60
CA PRO C 377 -10.57 -15.93 14.97
C PRO C 377 -9.16 -16.45 15.30
N ALA C 378 -8.54 -17.27 14.45
CA ALA C 378 -7.20 -17.78 14.71
C ALA C 378 -6.30 -16.56 14.64
N HIS C 379 -6.80 -15.49 14.02
CA HIS C 379 -5.99 -14.32 13.87
C HIS C 379 -6.21 -13.29 14.93
N VAL C 380 -7.15 -13.59 15.83
CA VAL C 380 -7.43 -12.77 17.08
C VAL C 380 -6.34 -13.07 18.15
N GLY C 381 -5.66 -12.05 18.61
CA GLY C 381 -4.61 -12.17 19.65
C GLY C 381 -4.91 -11.41 20.93
N ILE C 382 -6.18 -11.20 21.25
CA ILE C 382 -6.57 -10.50 22.44
C ILE C 382 -7.75 -11.18 23.07
N VAL C 383 -7.69 -11.25 24.40
CA VAL C 383 -8.83 -11.76 25.16
C VAL C 383 -9.28 -10.67 26.14
N LEU C 384 -10.53 -10.24 26.01
CA LEU C 384 -11.11 -9.25 26.92
CA LEU C 384 -11.10 -9.25 26.92
C LEU C 384 -11.82 -9.96 28.06
N LEU C 385 -12.03 -9.26 29.18
CA LEU C 385 -12.55 -9.91 30.37
C LEU C 385 -14.07 -10.10 30.32
S1 NHW D . -11.31 3.20 -30.29
C2 NHW D . -11.58 2.50 -32.00
C3 NHW D . -12.67 3.23 -32.80
N4 NHW D . -12.90 2.45 -34.05
C5 NHW D . -11.96 2.32 -35.02
O5 NHW D . -10.94 2.97 -35.05
C6 NHW D . -12.32 1.40 -36.22
C7 NHW D . -11.93 2.00 -37.60
N8 NHW D . -12.37 3.46 -37.85
C9 NHW D . -13.64 3.75 -38.04
O9 NHW D . -14.56 2.92 -38.05
CP NHW D . -12.57 2.17 -29.47
C10 NHW D . -13.91 5.24 -38.26
O10 NHW D . -12.58 5.84 -38.62
C11 NHW D . -14.43 5.93 -36.94
C12 NHW D . -14.43 7.45 -37.13
C13 NHW D . -15.87 5.39 -36.71
C14 NHW D . -13.50 5.60 -35.76
N1A NHW D . -13.37 8.02 -30.81
O1A NHW D . -16.18 11.89 -40.34
P1A NHW D . -16.18 10.99 -39.17
C1M NHW D . -13.89 2.85 -29.41
O1M NHW D . -14.83 2.24 -29.95
C1X NHW D . -13.91 11.83 -34.20
C2A NHW D . -14.03 9.17 -30.70
O2A NHW D . -17.46 10.11 -39.10
P2A NHW D . -14.72 8.52 -39.52
C2M NHW D . -14.18 4.06 -28.47
C2X NHW D . -12.95 12.73 -35.01
O2X NHW D . -12.01 13.26 -34.04
N3A NHW D . -14.04 10.06 -31.73
O3A NHW D . -15.00 10.01 -39.05
C3M NHW D . -15.27 4.97 -29.08
C3X NHW D . -13.98 13.71 -35.60
O3X NHW D . -14.52 14.63 -34.64
P3X NHW D . -13.55 16.12 -34.67
C4A NHW D . -13.36 9.85 -32.87
O4A NHW D . -15.55 8.24 -40.72
C4M NHW D . -15.38 6.28 -28.29
C4X NHW D . -15.18 12.89 -35.99
O4X NHW D . -15.06 11.66 -35.18
C5A NHW D . -12.65 8.66 -33.03
O5A NHW D . -13.23 8.44 -39.55
C5M NHW D . -16.45 7.22 -28.90
C5X NHW D . -14.94 12.60 -37.44
O5X NHW D . -16.05 11.71 -37.77
C6A NHW D . -12.68 7.72 -31.96
N6A NHW D . -11.99 6.59 -32.05
O6A NHW D . -15.22 7.62 -38.32
C6M NHW D . -16.69 8.47 -28.04
N7A NHW D . -12.18 8.68 -34.28
O7A NHW D . -13.97 16.80 -35.90
C7M NHW D . -17.56 8.09 -26.78
C8A NHW D . -12.55 9.85 -34.88
O8A NHW D . -14.03 16.87 -33.37
C8M NHW D . -17.85 9.39 -25.97
N9A NHW D . -13.27 10.58 -34.02
O9A NHW D . -12.12 15.65 -34.53
C9M NHW D . -18.86 9.14 -24.82
CAM NHW D . -20.30 8.82 -25.26
CBM NHW D . -21.28 8.50 -24.16
CCM NHW D . -21.51 9.64 -23.07
CDM NHW D . -22.50 9.08 -22.00
CEM NHW D . -22.75 10.06 -20.85
S DMS E . -15.21 -3.76 -17.80
O DMS E . -14.45 -2.58 -17.30
C1 DMS E . -14.68 -4.38 -19.31
C2 DMS E . -14.64 -5.00 -16.78
CL CL F . -26.78 18.15 -32.58
MG MG G . -18.33 8.90 -41.70
S SO4 H . 10.62 4.73 -21.30
O1 SO4 H . 9.78 4.33 -22.43
O2 SO4 H . 11.47 5.86 -21.74
O3 SO4 H . 11.38 3.49 -20.93
O4 SO4 H . 9.84 5.15 -20.11
S1 NHW I . 28.41 6.19 -5.55
C2 NHW I . 29.95 7.16 -5.92
C3 NHW I . 31.16 6.32 -5.59
N4 NHW I . 32.38 7.07 -5.86
C5 NHW I . 32.89 7.17 -7.11
O5 NHW I . 32.41 6.55 -8.06
C6 NHW I . 34.18 8.10 -7.18
C7 NHW I . 35.25 7.71 -8.22
N8 NHW I . 35.75 6.28 -8.07
C9 NHW I . 36.35 5.90 -6.93
O9 NHW I . 36.69 6.69 -6.07
CP NHW I . 27.86 7.12 -4.04
C10 NHW I . 36.66 4.39 -6.84
O10 NHW I . 36.50 3.86 -8.18
C11 NHW I . 35.79 3.69 -5.77
C12 NHW I . 36.01 2.16 -5.87
C13 NHW I . 34.25 3.95 -6.01
C14 NHW I . 36.24 4.15 -4.34
N1A NHW I . 29.91 1.41 -4.16
O1A NHW I . 39.69 -2.21 -5.93
P1A NHW I . 38.73 -1.30 -5.31
C1M NHW I . 28.62 6.53 -2.81
O1M NHW I . 29.62 7.10 -2.34
C1X NHW I . 33.31 -2.29 -5.34
C2A NHW I . 30.11 0.27 -3.52
O2A NHW I . 39.23 -0.57 -4.20
P2A NHW I . 38.33 1.11 -6.86
C2M NHW I . 28.15 5.27 -2.22
C2X NHW I . 33.57 -3.18 -6.56
O2X NHW I . 32.29 -3.74 -6.88
N3A NHW I . 31.00 -0.61 -3.99
O3A NHW I . 38.11 -0.43 -6.45
C3M NHW I . 29.24 4.34 -1.62
C3X NHW I . 34.55 -4.17 -5.87
O3X NHW I . 33.79 -5.14 -5.10
P3X NHW I . 33.64 -6.51 -5.87
C4A NHW I . 31.77 -0.31 -5.04
O4A NHW I . 39.73 1.42 -6.58
C4M NHW I . 28.56 3.04 -1.08
C4X NHW I . 35.38 -3.34 -4.93
O4X NHW I . 34.60 -2.12 -4.68
C5A NHW I . 31.57 0.91 -5.72
O5A NHW I . 37.71 1.33 -8.17
C5M NHW I . 29.58 2.10 -0.40
C5X NHW I . 36.60 -2.92 -5.70
O5X NHW I . 37.45 -2.13 -4.83
C6A NHW I . 30.58 1.75 -5.28
N6A NHW I . 30.31 2.93 -5.87
O6A NHW I . 37.50 1.95 -5.79
C6M NHW I . 28.90 0.83 0.14
N7A NHW I . 32.40 0.98 -6.75
O7A NHW I . 32.69 -7.36 -4.98
C7M NHW I . 28.31 1.17 1.47
C8A NHW I . 33.14 -0.17 -6.70
O8A NHW I . 32.84 -6.30 -7.31
C8M NHW I . 27.61 -0.12 2.02
N9A NHW I . 32.72 -0.98 -5.71
O9A NHW I . 34.92 -7.20 -6.10
C9M NHW I . 26.93 0.04 3.40
CAM NHW I . 28.02 0.26 4.49
CBM NHW I . 27.48 0.57 5.89
CCM NHW I . 26.63 -0.55 6.51
CDM NHW I . 26.21 -0.23 7.98
CEM NHW I . 25.09 -1.24 8.44
S DMS J . 18.87 12.56 3.75
O DMS J . 18.05 11.48 3.13
C1 DMS J . 17.72 13.64 4.40
C2 DMS J . 19.85 13.49 2.70
CL CL K . 37.65 -8.94 6.85
MG MG L . 41.76 0.75 -4.61
S1 NHW M . -21.24 -7.44 26.37
C2 NHW M . -22.26 -7.46 27.91
C3 NHW M . -23.31 -6.34 27.93
N4 NHW M . -24.09 -6.40 29.17
C5 NHW M . -25.07 -7.26 29.24
O5 NHW M . -25.39 -8.05 28.32
C6 NHW M . -25.74 -7.29 30.61
C7 NHW M . -27.22 -7.62 30.58
N8 NHW M . -28.02 -6.73 29.70
C9 NHW M . -28.19 -5.42 30.01
O9 NHW M . -27.77 -4.88 31.03
CP NHW M . -19.64 -6.70 26.94
C10 NHW M . -28.96 -4.65 28.92
O10 NHW M . -29.66 -5.65 28.10
C11 NHW M . -27.98 -3.82 28.08
C12 NHW M . -28.79 -3.24 26.88
C13 NHW M . -26.86 -4.70 27.40
C14 NHW M . -27.41 -2.62 28.90
N1A NHW M . -23.15 -3.79 23.30
O1A NHW M . -33.12 -0.19 24.94
P1A NHW M . -31.75 -0.27 25.45
C1M NHW M . -19.76 -5.16 27.15
O1M NHW M . -20.07 -4.65 28.25
C1X NHW M . -27.76 -1.83 21.95
C2A NHW M . -23.45 -2.72 22.57
O2A NHW M . -31.25 0.53 26.63
P2A NHW M . -31.35 -2.71 27.05
C2M NHW M . -19.48 -4.29 25.95
C2X NHW M . -28.81 -2.40 21.06
O2X NHW M . -28.21 -2.93 19.87
N3A NHW M . -24.68 -2.35 22.28
O3A NHW M . -31.50 -1.88 25.64
C3M NHW M . -20.26 -3.02 25.91
C3X NHW M . -29.76 -1.19 20.79
O3X NHW M . -29.24 -0.33 19.81
P3X NHW M . -29.88 -0.42 18.23
C4A NHW M . -25.74 -3.03 22.75
O4A NHW M . -32.27 -2.12 28.09
C4M NHW M . -20.06 -2.39 24.59
C4X NHW M . -29.59 -0.37 22.10
O4X NHW M . -28.59 -1.06 22.84
C5A NHW M . -25.49 -4.19 23.49
O5A NHW M . -31.47 -4.15 26.65
C5M NHW M . -20.91 -1.11 24.40
C5X NHW M . -30.87 -0.76 22.92
O5X NHW M . -30.77 -0.07 24.21
C6A NHW M . -24.15 -4.54 23.78
N6A NHW M . -23.88 -5.65 24.52
O6A NHW M . -29.78 -2.32 27.32
C6M NHW M . -20.64 -0.31 23.15
N7A NHW M . -26.64 -4.73 23.85
O7A NHW M . -28.98 0.37 17.39
C7M NHW M . -19.25 0.52 23.22
C8A NHW M . -27.60 -3.93 23.33
O8A NHW M . -29.62 -1.91 17.78
C8M NHW M . -19.07 1.25 21.91
N9A NHW M . -27.05 -2.89 22.67
O9A NHW M . -31.39 -0.19 18.37
C9M NHW M . -17.68 2.06 22.07
CAM NHW M . -17.88 3.27 23.02
CBM NHW M . -16.60 4.15 23.15
CCM NHW M . -16.06 4.75 21.91
CDM NHW M . -14.75 5.63 22.16
CEM NHW M . -14.11 6.19 20.87
S DMS N . -6.67 -5.90 28.42
O DMS N . -6.67 -6.05 26.95
C1 DMS N . -7.89 -6.71 29.33
C2 DMS N . -5.28 -6.75 28.99
CL CL O . -27.27 12.51 20.65
MG MG P . -33.08 0.66 28.90
#